data_7YFX
#
_entry.id   7YFX
#
loop_
_entity.id
_entity.type
_entity.pdbx_description
1 polymer 'Piwi-like protein 2'
2 polymer piRNA
3 non-polymer 'MAGNESIUM ION'
#
loop_
_entity_poly.entity_id
_entity_poly.type
_entity_poly.pdbx_seq_one_letter_code
_entity_poly.pdbx_strand_id
1 'polypeptide(L)'
;MDYKDDDDKGSDYKDDDDKGSDYKDDDDKGSENLYFQGMDPFRPSFRGQSPIHPSQCQAVRMPGCWPQASKPLDPALGRG
APAGRGHVFGKPEEPSTQRGPAQRESVGLVSMFRGLGIETVSKTPLKREMLPSGRGILGRGLSANLVRKDREELSPTFWD
PKVLAAGDSKMAETSVGWSRTLGRGSSDASLLPLGRAAGGISREVDKPPCTFSTPSRGPPQLSSPPALPQSPLHSPDRPL
VLTVEHKEKELIVKQGSKGTPQSLGLNLVKIQCHNEAVYQYHVTFSPNVECKSMRFGMLKDHQAVTGNVTAFDGSILYLP
VKLQQVLELKSQRKTDSAEISIKIQMTKILEPCSDLCIPFYNVVFRRVMKLLDMKLVGRNFYDPTSAMVLQQHRLQIWPG
YAASIRRTDGGLFLLADVSHKVIRNDCVLDVMHAIYQQNKEHFQDECTKLLVGNIVITRYNNRTYRIDDVDWNKTPKDSF
TMSDGKEITFLEYYSKNYGITVKEEDQPLLIHRPSERQDNHGMLLKGEILLLPELSFMTGIPEKMKKDFRAMKDLAQQIN
LSPKQHHSALECLLQRIAKNEAATNELMRWGLRLQKDVHKIEGRVLPMERINLKNTSFITSQELNWVKEVTRDPSILTIP
MHFWALFYPKRAMDQARELVNMLEKIAGPIGMRMSPPAWVELKDDRIETYVRTIQSTLGAEGKIQMVVCIIMGPRDDLYG
AIKKLCCVQSPVPSQVVNVRTIGQPTRLRSVAQKILLQINCKLGGELWGVDIPLKQLMVIGMDVYHDPSRGMRSVVGFVA
SINLTLTKWYSRVVFQMPHQEIVDSLKLCLVGSLKKFYEVNHCLPEKIVVYRDGVSDGQLKTVANYEIPQLQKCFEAFEN
YQPKMVVFVVQKKISTNLYLAAPQNFVTPTPGTVVDHTITSCEWVDFYLLAHHVRQGCGIPTHYVCVLNTANLSPDHMQR
LTFKLCHMYWNWPGTIRVPAPCKYAHKLAFLSGHILHHEPAIQLCENLFFL
;
A
2 'polyribonucleotide' UUACCAUCAACAUGGAAACUUGGCU(OMC) B
#
# COMPACT_ATOMS: atom_id res chain seq x y z
N VAL A 253 21.39 0.97 17.33
CA VAL A 253 21.71 2.26 17.94
C VAL A 253 20.49 3.18 17.92
N LYS A 254 19.41 2.74 17.28
CA LYS A 254 18.22 3.58 17.14
C LYS A 254 17.57 3.91 18.48
N GLN A 255 17.89 3.16 19.54
CA GLN A 255 17.18 3.30 20.80
C GLN A 255 17.31 4.71 21.36
N GLY A 256 16.19 5.24 21.87
CA GLY A 256 16.18 6.55 22.49
C GLY A 256 15.34 6.53 23.75
N SER A 257 15.49 7.58 24.55
CA SER A 257 14.87 7.67 25.86
C SER A 257 13.83 8.79 25.98
N LYS A 258 13.45 9.42 24.87
CA LYS A 258 12.43 10.46 24.94
C LYS A 258 11.03 9.85 24.91
N GLY A 259 10.09 10.53 25.55
CA GLY A 259 8.72 10.07 25.63
C GLY A 259 8.50 9.11 26.78
N THR A 260 7.25 9.05 27.24
CA THR A 260 6.96 8.23 28.40
C THR A 260 6.88 6.76 28.00
N PRO A 261 7.38 5.85 28.84
CA PRO A 261 7.41 4.43 28.43
C PRO A 261 6.04 3.79 28.47
N GLN A 262 5.94 2.62 27.84
CA GLN A 262 4.69 1.89 27.72
C GLN A 262 5.01 0.45 27.34
N SER A 263 4.13 -0.47 27.69
CA SER A 263 4.30 -1.88 27.38
C SER A 263 3.30 -2.29 26.30
N LEU A 264 3.81 -2.77 25.17
CA LEU A 264 2.98 -3.15 24.04
C LEU A 264 3.06 -4.66 23.80
N GLY A 265 2.01 -5.19 23.19
CA GLY A 265 1.95 -6.59 22.81
C GLY A 265 1.75 -6.77 21.32
N LEU A 266 2.75 -7.31 20.65
CA LEU A 266 2.73 -7.40 19.19
C LEU A 266 2.00 -8.66 18.73
N ASN A 267 1.74 -8.71 17.42
CA ASN A 267 1.22 -9.92 16.78
C ASN A 267 2.38 -10.77 16.23
N LEU A 268 3.36 -11.00 17.10
CA LEU A 268 4.55 -11.77 16.78
C LEU A 268 4.75 -12.80 17.88
N VAL A 269 5.35 -13.94 17.49
CA VAL A 269 5.59 -15.04 18.42
C VAL A 269 7.05 -15.47 18.28
N LYS A 270 7.78 -15.45 19.38
CA LYS A 270 9.19 -15.80 19.36
C LYS A 270 9.37 -17.30 19.14
N ILE A 271 10.46 -17.65 18.48
CA ILE A 271 10.82 -19.04 18.20
C ILE A 271 12.18 -19.30 18.85
N GLN A 272 12.22 -20.28 19.75
CA GLN A 272 13.46 -20.64 20.45
C GLN A 272 14.19 -21.68 19.61
N CYS A 273 15.29 -21.28 18.99
CA CYS A 273 16.11 -22.22 18.24
C CYS A 273 16.92 -23.08 19.20
N HIS A 274 16.60 -24.37 19.24
CA HIS A 274 17.20 -25.31 20.19
C HIS A 274 18.35 -26.12 19.60
N ASN A 275 18.72 -25.87 18.33
CA ASN A 275 19.76 -26.63 17.64
C ASN A 275 20.97 -25.73 17.46
N GLU A 276 22.16 -26.30 17.67
CA GLU A 276 23.36 -25.49 17.73
C GLU A 276 23.73 -24.93 16.36
N ALA A 277 23.54 -25.71 15.30
CA ALA A 277 24.05 -25.32 13.98
C ALA A 277 23.19 -25.90 12.87
N VAL A 278 23.03 -25.11 11.82
CA VAL A 278 22.51 -25.56 10.54
C VAL A 278 23.61 -25.33 9.51
N TYR A 279 24.09 -26.41 8.90
CA TYR A 279 25.25 -26.36 8.03
C TYR A 279 24.83 -26.16 6.58
N GLN A 280 25.81 -25.88 5.73
CA GLN A 280 25.57 -25.67 4.31
C GLN A 280 26.60 -26.45 3.52
N TYR A 281 26.15 -27.17 2.50
CA TYR A 281 27.01 -28.00 1.67
C TYR A 281 26.71 -27.73 0.21
N HIS A 282 27.71 -27.94 -0.62
CA HIS A 282 27.60 -27.82 -2.07
C HIS A 282 27.69 -29.20 -2.70
N VAL A 283 26.96 -29.36 -3.80
CA VAL A 283 26.73 -30.65 -4.44
C VAL A 283 27.29 -30.59 -5.86
N THR A 284 28.03 -31.63 -6.25
CA THR A 284 28.57 -31.76 -7.59
C THR A 284 28.15 -33.10 -8.17
N PHE A 285 27.88 -33.12 -9.48
CA PHE A 285 27.42 -34.31 -10.18
C PHE A 285 28.41 -34.61 -11.30
N SER A 286 28.94 -35.84 -11.35
CA SER A 286 30.05 -36.12 -12.25
C SER A 286 29.62 -36.08 -13.72
N PRO A 287 28.77 -36.98 -14.22
CA PRO A 287 28.02 -36.62 -15.43
C PRO A 287 27.02 -35.51 -15.10
N ASN A 288 27.22 -34.35 -15.73
CA ASN A 288 26.42 -33.18 -15.38
C ASN A 288 24.95 -33.42 -15.67
N VAL A 289 24.15 -33.46 -14.61
CA VAL A 289 22.71 -33.70 -14.69
C VAL A 289 22.03 -32.34 -14.73
N GLU A 290 21.49 -31.98 -15.90
CA GLU A 290 20.88 -30.67 -16.06
C GLU A 290 19.52 -30.61 -15.36
N CYS A 291 18.78 -31.71 -15.34
CA CYS A 291 17.43 -31.71 -14.81
C CYS A 291 17.44 -31.53 -13.30
N LYS A 292 16.60 -30.63 -12.80
CA LYS A 292 16.51 -30.39 -11.36
C LYS A 292 15.80 -31.54 -10.65
N SER A 293 14.70 -32.04 -11.24
CA SER A 293 13.93 -33.10 -10.59
C SER A 293 14.74 -34.37 -10.48
N MET A 294 15.54 -34.68 -11.50
CA MET A 294 16.34 -35.90 -11.45
C MET A 294 17.37 -35.81 -10.34
N ARG A 295 18.06 -34.66 -10.21
CA ARG A 295 19.00 -34.48 -9.12
C ARG A 295 18.29 -34.58 -7.78
N PHE A 296 17.06 -34.06 -7.70
CA PHE A 296 16.28 -34.17 -6.46
C PHE A 296 16.07 -35.63 -6.07
N GLY A 297 15.57 -36.45 -7.01
CA GLY A 297 15.39 -37.86 -6.71
C GLY A 297 16.70 -38.56 -6.40
N MET A 298 17.76 -38.19 -7.12
CA MET A 298 19.08 -38.76 -6.89
C MET A 298 19.52 -38.54 -5.46
N LEU A 299 19.37 -37.33 -4.95
CA LEU A 299 19.65 -37.09 -3.53
C LEU A 299 18.67 -37.84 -2.65
N LYS A 300 17.44 -38.07 -3.14
CA LYS A 300 16.45 -38.75 -2.30
C LYS A 300 16.82 -40.22 -2.07
N ASP A 301 17.50 -40.87 -3.02
CA ASP A 301 17.85 -42.26 -2.79
C ASP A 301 18.80 -42.40 -1.60
N HIS A 302 19.73 -41.46 -1.45
CA HIS A 302 20.67 -41.46 -0.33
C HIS A 302 20.24 -40.53 0.79
N GLN A 303 18.97 -40.10 0.81
CA GLN A 303 18.50 -39.23 1.87
C GLN A 303 18.66 -39.90 3.23
N ALA A 304 18.57 -41.23 3.28
CA ALA A 304 18.79 -41.93 4.55
C ALA A 304 20.22 -41.76 5.03
N VAL A 305 21.18 -41.81 4.12
CA VAL A 305 22.59 -41.71 4.52
C VAL A 305 22.89 -40.32 5.05
N THR A 306 22.46 -39.28 4.34
CA THR A 306 22.66 -37.92 4.83
C THR A 306 21.72 -37.63 6.01
N GLY A 307 20.49 -38.12 5.94
CA GLY A 307 19.53 -37.94 7.00
C GLY A 307 18.16 -37.57 6.45
N ASN A 308 17.12 -37.97 7.18
CA ASN A 308 15.76 -37.66 6.78
C ASN A 308 15.52 -36.15 6.72
N VAL A 309 16.32 -35.38 7.44
CA VAL A 309 16.12 -33.93 7.53
C VAL A 309 16.98 -33.25 6.48
N THR A 310 16.32 -32.75 5.42
CA THR A 310 17.02 -32.11 4.31
C THR A 310 16.18 -30.97 3.77
N ALA A 311 16.84 -30.00 3.14
CA ALA A 311 16.20 -28.92 2.40
C ALA A 311 17.13 -28.54 1.25
N PHE A 312 16.67 -28.74 0.02
CA PHE A 312 17.54 -28.73 -1.15
C PHE A 312 17.09 -27.67 -2.14
N ASP A 313 18.08 -27.00 -2.75
CA ASP A 313 17.84 -25.97 -3.76
C ASP A 313 18.34 -26.34 -5.13
N GLY A 314 19.08 -27.44 -5.28
CA GLY A 314 19.61 -27.88 -6.56
C GLY A 314 21.12 -28.04 -6.53
N SER A 315 21.80 -27.12 -5.85
CA SER A 315 23.23 -27.24 -5.62
C SER A 315 23.66 -26.86 -4.20
N ILE A 316 22.81 -26.20 -3.42
CA ILE A 316 23.10 -25.83 -2.04
C ILE A 316 22.08 -26.56 -1.17
N LEU A 317 22.59 -27.30 -0.17
CA LEU A 317 21.78 -28.19 0.65
C LEU A 317 22.09 -27.95 2.12
N TYR A 318 21.04 -27.73 2.90
CA TYR A 318 21.16 -27.47 4.33
C TYR A 318 20.70 -28.69 5.11
N LEU A 319 21.52 -29.12 6.08
CA LEU A 319 21.21 -30.25 6.94
C LEU A 319 21.33 -29.83 8.40
N PRO A 320 20.42 -30.26 9.29
CA PRO A 320 20.72 -30.10 10.72
C PRO A 320 21.89 -30.92 11.17
N VAL A 321 21.87 -32.23 10.88
CA VAL A 321 23.00 -33.08 11.20
C VAL A 321 24.24 -32.63 10.45
N LYS A 322 25.39 -32.85 11.08
CA LYS A 322 26.68 -32.44 10.51
C LYS A 322 27.25 -33.59 9.69
N LEU A 323 27.15 -33.45 8.37
CA LEU A 323 27.83 -34.36 7.44
C LEU A 323 29.21 -33.79 7.13
N GLN A 324 30.02 -33.73 8.20
CA GLN A 324 31.30 -33.04 8.14
C GLN A 324 32.20 -33.61 7.06
N GLN A 325 32.17 -34.93 6.86
CA GLN A 325 33.07 -35.55 5.89
C GLN A 325 32.60 -35.25 4.47
N VAL A 326 33.51 -34.73 3.65
CA VAL A 326 33.23 -34.59 2.23
C VAL A 326 33.02 -35.98 1.64
N LEU A 327 31.83 -36.22 1.10
CA LEU A 327 31.41 -37.57 0.75
C LEU A 327 31.04 -37.63 -0.72
N GLU A 328 31.28 -38.80 -1.32
CA GLU A 328 30.84 -39.08 -2.68
C GLU A 328 29.88 -40.26 -2.62
N LEU A 329 28.69 -40.08 -3.20
CA LEU A 329 27.65 -41.10 -3.20
C LEU A 329 27.39 -41.54 -4.63
N LYS A 330 27.30 -42.85 -4.84
CA LYS A 330 27.06 -43.41 -6.17
C LYS A 330 25.56 -43.51 -6.40
N SER A 331 25.09 -42.92 -7.50
CA SER A 331 23.68 -42.89 -7.86
C SER A 331 23.51 -43.32 -9.30
N GLN A 332 22.28 -43.36 -9.80
CA GLN A 332 22.03 -43.76 -11.18
C GLN A 332 20.93 -42.91 -11.79
N ARG A 333 21.17 -42.51 -13.04
CA ARG A 333 20.19 -41.84 -13.88
C ARG A 333 19.57 -42.90 -14.79
N LYS A 334 18.24 -42.97 -14.80
CA LYS A 334 17.58 -44.08 -15.48
C LYS A 334 17.85 -44.07 -16.98
N THR A 335 17.86 -42.89 -17.60
CA THR A 335 18.10 -42.83 -19.05
C THR A 335 19.55 -43.12 -19.39
N ASP A 336 20.50 -42.47 -18.69
CA ASP A 336 21.91 -42.74 -18.96
C ASP A 336 22.32 -44.10 -18.41
N SER A 337 21.69 -44.52 -17.31
CA SER A 337 21.94 -45.84 -16.71
C SER A 337 23.42 -46.04 -16.38
N ALA A 338 24.05 -45.01 -15.85
CA ALA A 338 25.46 -45.05 -15.49
C ALA A 338 25.64 -44.41 -14.12
N GLU A 339 26.73 -44.80 -13.44
CA GLU A 339 26.99 -44.28 -12.11
C GLU A 339 27.25 -42.78 -12.14
N ILE A 340 26.65 -42.07 -11.19
CA ILE A 340 26.76 -40.62 -11.04
C ILE A 340 27.29 -40.34 -9.63
N SER A 341 28.29 -39.47 -9.54
CA SER A 341 28.92 -39.15 -8.26
C SER A 341 28.30 -37.88 -7.70
N ILE A 342 27.48 -38.03 -6.66
CA ILE A 342 26.98 -36.91 -5.89
C ILE A 342 28.03 -36.60 -4.83
N LYS A 343 28.82 -35.56 -5.06
CA LYS A 343 29.86 -35.13 -4.14
C LYS A 343 29.31 -33.98 -3.30
N ILE A 344 29.22 -34.22 -1.99
CA ILE A 344 28.73 -33.25 -1.02
C ILE A 344 29.93 -32.78 -0.22
N GLN A 345 30.16 -31.47 -0.21
CA GLN A 345 31.25 -30.87 0.54
C GLN A 345 30.74 -29.65 1.31
N MET A 346 31.06 -29.59 2.60
CA MET A 346 30.62 -28.46 3.41
C MET A 346 31.33 -27.19 2.96
N THR A 347 30.60 -26.07 2.96
CA THR A 347 31.15 -24.77 2.60
C THR A 347 31.05 -23.73 3.69
N LYS A 348 30.11 -23.87 4.63
CA LYS A 348 29.86 -22.81 5.60
C LYS A 348 29.29 -23.42 6.87
N ILE A 349 29.49 -22.73 7.98
CA ILE A 349 28.82 -23.02 9.25
C ILE A 349 28.01 -21.78 9.62
N LEU A 350 26.76 -21.99 10.02
CA LEU A 350 25.78 -20.93 10.22
C LEU A 350 25.10 -21.06 11.57
N GLU A 351 24.69 -19.91 12.11
CA GLU A 351 23.86 -19.88 13.29
C GLU A 351 22.48 -20.43 12.95
N PRO A 352 21.73 -20.92 13.95
CA PRO A 352 20.36 -21.37 13.66
C PRO A 352 19.47 -20.27 13.12
N CYS A 353 19.76 -19.00 13.47
CA CYS A 353 18.91 -17.87 13.15
C CYS A 353 19.39 -17.07 11.95
N SER A 354 20.34 -17.58 11.18
CA SER A 354 20.94 -16.80 10.09
C SER A 354 19.88 -16.49 9.03
N ASP A 355 20.24 -15.61 8.09
CA ASP A 355 19.27 -15.08 7.14
C ASP A 355 18.83 -16.14 6.13
N LEU A 356 19.78 -16.86 5.52
CA LEU A 356 19.40 -17.87 4.53
C LEU A 356 18.53 -18.96 5.14
N CYS A 357 18.61 -19.16 6.46
CA CYS A 357 17.79 -20.17 7.09
C CYS A 357 16.31 -19.77 7.07
N ILE A 358 16.03 -18.48 6.92
CA ILE A 358 14.64 -18.01 6.99
C ILE A 358 13.81 -18.58 5.83
N PRO A 359 14.29 -18.59 4.58
CA PRO A 359 13.47 -19.21 3.51
C PRO A 359 13.01 -20.63 3.80
N PHE A 360 13.91 -21.57 4.08
CA PHE A 360 13.46 -22.94 4.26
C PHE A 360 12.75 -23.13 5.59
N TYR A 361 13.01 -22.28 6.58
CA TYR A 361 12.14 -22.25 7.76
C TYR A 361 10.72 -21.88 7.36
N ASN A 362 10.57 -20.92 6.46
CA ASN A 362 9.24 -20.56 5.98
C ASN A 362 8.61 -21.73 5.22
N VAL A 363 9.42 -22.47 4.47
CA VAL A 363 8.91 -23.67 3.78
C VAL A 363 8.42 -24.71 4.79
N VAL A 364 9.19 -24.92 5.86
CA VAL A 364 8.79 -25.88 6.88
C VAL A 364 7.50 -25.41 7.56
N PHE A 365 7.35 -24.11 7.76
CA PHE A 365 6.09 -23.62 8.30
C PHE A 365 4.96 -23.80 7.29
N ARG A 366 5.26 -23.71 6.00
CA ARG A 366 4.29 -24.07 4.97
C ARG A 366 3.79 -25.49 5.20
N ARG A 367 4.74 -26.41 5.41
CA ARG A 367 4.37 -27.81 5.64
C ARG A 367 3.54 -27.96 6.91
N VAL A 368 3.93 -27.26 7.98
CA VAL A 368 3.17 -27.31 9.22
C VAL A 368 1.74 -26.85 8.98
N MET A 369 1.59 -25.70 8.32
CA MET A 369 0.27 -25.13 8.09
C MET A 369 -0.56 -26.07 7.23
N LYS A 370 0.08 -26.73 6.26
CA LYS A 370 -0.60 -27.72 5.44
C LYS A 370 -1.09 -28.89 6.29
N LEU A 371 -0.23 -29.42 7.17
CA LEU A 371 -0.65 -30.48 8.08
C LEU A 371 -1.77 -30.03 9.01
N LEU A 372 -1.94 -28.72 9.20
CA LEU A 372 -3.12 -28.20 9.87
C LEU A 372 -4.34 -28.10 8.96
N ASP A 373 -4.31 -28.74 7.78
CA ASP A 373 -5.46 -28.83 6.87
C ASP A 373 -5.78 -27.45 6.29
N MET A 374 -4.89 -26.48 6.44
CA MET A 374 -5.08 -25.15 5.90
C MET A 374 -4.72 -25.14 4.43
N LYS A 375 -5.52 -24.44 3.62
CA LYS A 375 -5.36 -24.41 2.17
C LYS A 375 -4.58 -23.17 1.78
N LEU A 376 -3.55 -23.36 0.95
CA LEU A 376 -2.70 -22.28 0.48
C LEU A 376 -3.34 -21.66 -0.76
N VAL A 377 -4.27 -20.73 -0.54
CA VAL A 377 -4.87 -19.94 -1.60
C VAL A 377 -4.10 -18.63 -1.66
N GLY A 378 -3.32 -18.46 -2.72
CA GLY A 378 -2.38 -17.36 -2.78
C GLY A 378 -1.21 -17.62 -1.85
N ARG A 379 -0.53 -16.54 -1.48
CA ARG A 379 0.59 -16.67 -0.54
C ARG A 379 0.09 -17.03 0.85
N ASN A 380 -1.08 -16.53 1.23
CA ASN A 380 -1.61 -16.75 2.57
C ASN A 380 -2.25 -18.12 2.68
N PHE A 381 -2.65 -18.46 3.91
CA PHE A 381 -3.30 -19.73 4.22
C PHE A 381 -4.74 -19.46 4.62
N TYR A 382 -5.67 -20.25 4.06
CA TYR A 382 -7.10 -20.09 4.33
C TYR A 382 -7.74 -21.45 4.58
N ASP A 383 -8.84 -21.44 5.33
CA ASP A 383 -9.58 -22.70 5.57
C ASP A 383 -10.95 -22.56 4.91
N PRO A 384 -11.31 -23.36 3.88
CA PRO A 384 -12.66 -23.29 3.30
C PRO A 384 -13.72 -23.85 4.23
N THR A 385 -13.40 -24.86 5.02
CA THR A 385 -14.37 -25.50 5.89
C THR A 385 -14.88 -24.58 7.00
N SER A 386 -14.12 -23.53 7.35
CA SER A 386 -14.53 -22.55 8.35
C SER A 386 -15.24 -21.36 7.72
N ALA A 387 -15.78 -21.52 6.51
CA ALA A 387 -16.33 -20.41 5.78
C ALA A 387 -17.55 -19.84 6.49
N MET A 388 -17.83 -18.56 6.23
CA MET A 388 -18.86 -17.81 6.94
C MET A 388 -19.84 -17.31 5.87
N VAL A 389 -20.89 -18.10 5.63
CA VAL A 389 -21.75 -17.88 4.48
C VAL A 389 -22.65 -16.67 4.70
N LEU A 390 -22.83 -15.88 3.65
CA LEU A 390 -23.77 -14.76 3.64
C LEU A 390 -24.88 -15.07 2.65
N GLN A 391 -26.12 -15.05 3.15
CA GLN A 391 -27.28 -15.47 2.37
C GLN A 391 -27.88 -14.35 1.54
N GLN A 392 -27.55 -13.10 1.82
CA GLN A 392 -28.18 -11.95 1.16
C GLN A 392 -27.48 -11.57 -0.15
N HIS A 393 -26.18 -11.32 -0.10
CA HIS A 393 -25.42 -10.82 -1.24
C HIS A 393 -24.59 -11.89 -1.95
N ARG A 394 -24.81 -13.16 -1.62
CA ARG A 394 -24.13 -14.28 -2.28
C ARG A 394 -22.61 -14.18 -2.09
N LEU A 395 -22.19 -14.07 -0.84
CA LEU A 395 -20.77 -13.95 -0.50
C LEU A 395 -20.39 -15.03 0.50
N GLN A 396 -19.14 -15.48 0.41
CA GLN A 396 -18.53 -16.40 1.35
C GLN A 396 -17.26 -15.74 1.88
N ILE A 397 -17.03 -15.87 3.18
CA ILE A 397 -15.85 -15.32 3.82
C ILE A 397 -15.04 -16.49 4.37
N TRP A 398 -13.76 -16.55 4.00
CA TRP A 398 -12.89 -17.63 4.45
C TRP A 398 -11.92 -17.12 5.50
N PRO A 399 -12.10 -17.43 6.79
CA PRO A 399 -11.06 -17.10 7.77
C PRO A 399 -9.74 -17.76 7.41
N GLY A 400 -8.64 -17.07 7.68
CA GLY A 400 -7.35 -17.66 7.45
C GLY A 400 -6.26 -16.80 8.05
N TYR A 401 -5.03 -17.23 7.84
CA TYR A 401 -3.86 -16.58 8.38
C TYR A 401 -2.87 -16.29 7.27
N ALA A 402 -2.13 -15.20 7.43
CA ALA A 402 -0.96 -14.91 6.62
C ALA A 402 0.22 -14.90 7.58
N ALA A 403 1.08 -15.89 7.46
CA ALA A 403 2.09 -16.14 8.48
C ALA A 403 3.44 -16.34 7.81
N SER A 404 4.49 -15.92 8.51
CA SER A 404 5.84 -16.04 8.00
C SER A 404 6.85 -16.03 9.13
N ILE A 405 7.87 -16.87 9.02
CA ILE A 405 9.01 -16.85 9.92
C ILE A 405 9.98 -15.80 9.40
N ARG A 406 10.40 -14.89 10.29
CA ARG A 406 11.27 -13.79 9.94
C ARG A 406 12.31 -13.63 11.04
N ARG A 407 13.38 -12.89 10.74
CA ARG A 407 14.39 -12.54 11.73
C ARG A 407 14.42 -11.03 11.88
N THR A 408 13.93 -10.54 13.01
CA THR A 408 14.07 -9.15 13.38
C THR A 408 15.32 -9.00 14.25
N ASP A 409 15.47 -7.83 14.87
CA ASP A 409 16.65 -7.59 15.71
C ASP A 409 16.68 -8.54 16.90
N GLY A 410 15.52 -8.76 17.54
CA GLY A 410 15.49 -9.61 18.72
C GLY A 410 15.83 -11.05 18.44
N GLY A 411 15.28 -11.60 17.37
CA GLY A 411 15.49 -12.99 17.05
C GLY A 411 14.52 -13.46 15.98
N LEU A 412 14.27 -14.77 15.97
CA LEU A 412 13.34 -15.35 15.03
C LEU A 412 11.92 -15.25 15.56
N PHE A 413 11.03 -14.67 14.74
CA PHE A 413 9.64 -14.44 15.11
C PHE A 413 8.72 -14.96 14.02
N LEU A 414 7.62 -15.55 14.43
CA LEU A 414 6.55 -15.96 13.52
C LEU A 414 5.50 -14.86 13.48
N LEU A 415 5.58 -14.00 12.48
CA LEU A 415 4.59 -12.95 12.29
C LEU A 415 3.35 -13.57 11.65
N ALA A 416 2.23 -13.52 12.36
CA ALA A 416 0.96 -14.07 11.90
C ALA A 416 -0.09 -12.97 11.94
N ASP A 417 -0.82 -12.81 10.84
CA ASP A 417 -1.87 -11.80 10.72
C ASP A 417 -3.14 -12.45 10.21
N VAL A 418 -4.26 -12.23 10.91
CA VAL A 418 -5.52 -12.81 10.48
C VAL A 418 -5.98 -12.12 9.20
N SER A 419 -6.55 -12.90 8.29
CA SER A 419 -6.97 -12.40 6.99
C SER A 419 -8.25 -13.09 6.56
N HIS A 420 -9.17 -12.30 6.00
CA HIS A 420 -10.42 -12.81 5.47
C HIS A 420 -10.44 -12.58 3.96
N LYS A 421 -10.66 -13.64 3.20
CA LYS A 421 -10.80 -13.57 1.75
C LYS A 421 -12.25 -13.79 1.37
N VAL A 422 -12.74 -12.94 0.48
CA VAL A 422 -14.15 -12.92 0.08
C VAL A 422 -14.27 -13.66 -1.24
N ILE A 423 -14.91 -14.82 -1.20
CA ILE A 423 -15.21 -15.62 -2.39
C ILE A 423 -16.67 -15.34 -2.71
N ARG A 424 -17.06 -15.49 -3.98
CA ARG A 424 -18.44 -15.26 -4.38
C ARG A 424 -19.13 -16.61 -4.57
N ASN A 425 -20.34 -16.73 -4.01
CA ASN A 425 -21.01 -18.03 -3.93
C ASN A 425 -21.36 -18.55 -5.32
N ASP A 426 -21.96 -17.73 -6.16
CA ASP A 426 -22.51 -18.18 -7.43
C ASP A 426 -21.41 -18.35 -8.47
N CYS A 427 -21.63 -19.29 -9.38
CA CYS A 427 -20.64 -19.64 -10.38
C CYS A 427 -20.51 -18.53 -11.43
N VAL A 428 -19.36 -18.52 -12.11
CA VAL A 428 -19.19 -17.61 -13.25
C VAL A 428 -20.11 -18.03 -14.38
N LEU A 429 -20.35 -19.33 -14.54
CA LEU A 429 -21.27 -19.78 -15.57
C LEU A 429 -22.69 -19.30 -15.31
N ASP A 430 -23.05 -19.13 -14.03
CA ASP A 430 -24.34 -18.52 -13.73
C ASP A 430 -24.36 -17.05 -14.16
N VAL A 431 -23.22 -16.38 -14.07
CA VAL A 431 -23.14 -15.01 -14.60
C VAL A 431 -23.30 -15.04 -16.12
N MET A 432 -22.71 -16.03 -16.78
CA MET A 432 -22.92 -16.18 -18.22
C MET A 432 -24.38 -16.38 -18.54
N HIS A 433 -25.06 -17.24 -17.77
CA HIS A 433 -26.50 -17.40 -17.91
C HIS A 433 -27.23 -16.07 -17.71
N ALA A 434 -26.79 -15.27 -16.74
CA ALA A 434 -27.45 -14.00 -16.49
C ALA A 434 -27.32 -13.06 -17.68
N ILE A 435 -26.11 -12.91 -18.22
CA ILE A 435 -25.91 -12.01 -19.35
C ILE A 435 -26.64 -12.52 -20.58
N TYR A 436 -26.65 -13.85 -20.80
CA TYR A 436 -27.34 -14.38 -21.97
C TYR A 436 -28.85 -14.27 -21.81
N GLN A 437 -29.35 -14.37 -20.58
CA GLN A 437 -30.78 -14.20 -20.32
C GLN A 437 -31.20 -12.75 -20.47
N GLN A 438 -30.30 -11.81 -20.13
CA GLN A 438 -30.56 -10.41 -20.40
C GLN A 438 -30.78 -10.17 -21.88
N ASN A 439 -30.14 -10.98 -22.73
CA ASN A 439 -30.33 -11.00 -24.19
C ASN A 439 -30.27 -9.60 -24.80
N LYS A 440 -29.47 -8.72 -24.22
CA LYS A 440 -29.30 -7.40 -24.79
C LYS A 440 -28.32 -7.46 -25.95
N GLU A 441 -28.39 -6.46 -26.83
CA GLU A 441 -27.54 -6.45 -28.01
C GLU A 441 -26.14 -6.02 -27.63
N HIS A 442 -25.16 -6.90 -27.87
CA HIS A 442 -23.74 -6.59 -27.66
C HIS A 442 -23.41 -6.35 -26.18
N PHE A 443 -23.81 -7.28 -25.32
CA PHE A 443 -23.32 -7.32 -23.95
C PHE A 443 -22.42 -8.51 -23.66
N GLN A 444 -22.11 -9.33 -24.68
CA GLN A 444 -20.94 -10.19 -24.57
C GLN A 444 -19.70 -9.35 -24.26
N ASP A 445 -19.63 -8.15 -24.85
CA ASP A 445 -18.57 -7.21 -24.51
C ASP A 445 -18.64 -6.78 -23.06
N GLU A 446 -19.86 -6.54 -22.53
CA GLU A 446 -19.97 -6.16 -21.13
C GLU A 446 -19.59 -7.31 -20.20
N CYS A 447 -19.94 -8.53 -20.58
CA CYS A 447 -19.49 -9.70 -19.84
C CYS A 447 -17.97 -9.78 -19.83
N THR A 448 -17.34 -9.55 -20.98
CA THR A 448 -15.88 -9.53 -21.04
C THR A 448 -15.31 -8.43 -20.15
N LYS A 449 -15.94 -7.25 -20.16
CA LYS A 449 -15.46 -6.15 -19.31
C LYS A 449 -15.54 -6.54 -17.84
N LEU A 450 -16.61 -7.21 -17.44
CA LEU A 450 -16.71 -7.68 -16.06
C LEU A 450 -15.59 -8.66 -15.74
N LEU A 451 -15.37 -9.65 -16.60
CA LEU A 451 -14.43 -10.71 -16.26
C LEU A 451 -12.99 -10.21 -16.19
N VAL A 452 -12.61 -9.30 -17.09
CA VAL A 452 -11.21 -8.88 -17.16
C VAL A 452 -10.80 -8.16 -15.89
N GLY A 453 -9.61 -8.48 -15.39
CA GLY A 453 -9.03 -7.78 -14.27
C GLY A 453 -9.49 -8.24 -12.90
N ASN A 454 -10.33 -9.26 -12.83
CA ASN A 454 -10.84 -9.81 -11.57
C ASN A 454 -10.36 -11.24 -11.43
N ILE A 455 -9.79 -11.57 -10.27
CA ILE A 455 -9.24 -12.90 -10.06
C ILE A 455 -10.38 -13.87 -9.81
N VAL A 456 -10.26 -15.07 -10.34
CA VAL A 456 -11.27 -16.12 -10.24
C VAL A 456 -10.65 -17.34 -9.60
N ILE A 457 -11.33 -17.91 -8.61
CA ILE A 457 -10.83 -19.07 -7.88
C ILE A 457 -11.29 -20.34 -8.59
N THR A 458 -10.41 -21.33 -8.65
CA THR A 458 -10.79 -22.71 -8.89
C THR A 458 -10.92 -23.39 -7.53
N ARG A 459 -12.17 -23.64 -7.11
CA ARG A 459 -12.42 -24.28 -5.83
C ARG A 459 -12.04 -25.75 -5.85
N TYR A 460 -12.10 -26.38 -7.03
CA TYR A 460 -11.73 -27.79 -7.15
C TYR A 460 -10.31 -28.05 -6.66
N ASN A 461 -9.39 -27.11 -6.89
CA ASN A 461 -8.04 -27.20 -6.36
C ASN A 461 -7.67 -26.00 -5.50
N ASN A 462 -8.60 -25.06 -5.29
CA ASN A 462 -8.36 -23.91 -4.43
C ASN A 462 -7.15 -23.11 -4.91
N ARG A 463 -7.14 -22.75 -6.19
CA ARG A 463 -6.07 -21.97 -6.77
C ARG A 463 -6.64 -20.76 -7.51
N THR A 464 -6.01 -19.61 -7.32
CA THR A 464 -6.44 -18.39 -7.99
C THR A 464 -5.85 -18.33 -9.41
N TYR A 465 -6.69 -17.92 -10.35
CA TYR A 465 -6.27 -17.61 -11.72
C TYR A 465 -6.69 -16.18 -12.03
N ARG A 466 -5.77 -15.40 -12.61
CA ARG A 466 -6.11 -14.06 -13.05
C ARG A 466 -6.70 -14.16 -14.46
N ILE A 467 -7.90 -13.60 -14.63
CA ILE A 467 -8.57 -13.66 -15.92
C ILE A 467 -7.77 -12.87 -16.94
N ASP A 468 -7.49 -13.49 -18.09
CA ASP A 468 -6.74 -12.86 -19.16
C ASP A 468 -7.54 -12.72 -20.44
N ASP A 469 -8.33 -13.73 -20.81
CA ASP A 469 -9.17 -13.63 -22.00
C ASP A 469 -10.41 -14.49 -21.84
N VAL A 470 -11.37 -14.28 -22.73
CA VAL A 470 -12.56 -15.12 -22.87
C VAL A 470 -12.58 -15.55 -24.33
N ASP A 471 -12.73 -16.85 -24.60
CA ASP A 471 -12.76 -17.33 -25.98
C ASP A 471 -14.19 -17.74 -26.32
N TRP A 472 -14.83 -16.92 -27.16
CA TRP A 472 -16.19 -17.26 -27.59
C TRP A 472 -16.17 -18.36 -28.65
N ASN A 473 -15.14 -18.38 -29.49
CA ASN A 473 -15.07 -19.37 -30.56
C ASN A 473 -14.70 -20.75 -30.02
N LYS A 474 -13.73 -20.82 -29.12
CA LYS A 474 -13.36 -22.10 -28.53
C LYS A 474 -14.50 -22.64 -27.69
N THR A 475 -14.52 -23.95 -27.54
CA THR A 475 -15.55 -24.67 -26.82
C THR A 475 -14.92 -25.74 -25.94
N PRO A 476 -15.66 -26.26 -24.97
CA PRO A 476 -15.12 -27.39 -24.18
C PRO A 476 -14.77 -28.60 -25.04
N LYS A 477 -15.35 -28.73 -26.23
CA LYS A 477 -15.01 -29.82 -27.13
C LYS A 477 -13.75 -29.55 -27.94
N ASP A 478 -13.17 -28.35 -27.84
CA ASP A 478 -12.00 -28.03 -28.65
C ASP A 478 -10.77 -28.78 -28.14
N SER A 479 -9.77 -28.88 -29.02
CA SER A 479 -8.59 -29.72 -28.76
C SER A 479 -7.48 -28.90 -28.13
N PHE A 480 -6.78 -29.50 -27.17
CA PHE A 480 -5.57 -28.92 -26.58
C PHE A 480 -4.51 -30.01 -26.49
N THR A 481 -3.27 -29.65 -26.80
CA THR A 481 -2.18 -30.60 -26.75
C THR A 481 -1.94 -31.07 -25.32
N MET A 482 -1.49 -32.32 -25.19
CA MET A 482 -1.28 -32.94 -23.89
C MET A 482 0.13 -33.50 -23.80
N SER A 483 0.58 -33.72 -22.56
CA SER A 483 1.86 -34.39 -22.34
C SER A 483 1.83 -35.83 -22.84
N ASP A 484 0.64 -36.45 -22.89
CA ASP A 484 0.52 -37.80 -23.39
C ASP A 484 0.88 -37.92 -24.87
N GLY A 485 0.88 -36.81 -25.61
CA GLY A 485 1.23 -36.80 -27.01
C GLY A 485 0.07 -36.71 -27.98
N LYS A 486 -1.17 -36.78 -27.48
CA LYS A 486 -2.36 -36.67 -28.31
C LYS A 486 -3.17 -35.46 -27.86
N GLU A 487 -3.55 -34.61 -28.81
CA GLU A 487 -4.46 -33.53 -28.50
C GLU A 487 -5.83 -34.08 -28.14
N ILE A 488 -6.41 -33.59 -27.05
CA ILE A 488 -7.62 -34.14 -26.47
C ILE A 488 -8.60 -33.01 -26.18
N THR A 489 -9.88 -33.36 -26.10
CA THR A 489 -10.91 -32.39 -25.79
C THR A 489 -10.91 -32.08 -24.30
N PHE A 490 -11.31 -30.84 -23.96
CA PHE A 490 -11.39 -30.46 -22.55
C PHE A 490 -12.43 -31.30 -21.83
N LEU A 491 -13.51 -31.68 -22.53
CA LEU A 491 -14.46 -32.63 -21.97
C LEU A 491 -13.74 -33.87 -21.47
N GLU A 492 -12.89 -34.46 -22.30
CA GLU A 492 -12.21 -35.70 -21.95
C GLU A 492 -11.32 -35.50 -20.73
N TYR A 493 -10.45 -34.48 -20.76
CA TYR A 493 -9.50 -34.30 -19.67
C TYR A 493 -10.23 -34.04 -18.35
N TYR A 494 -11.21 -33.15 -18.36
CA TYR A 494 -11.88 -32.79 -17.10
C TYR A 494 -12.71 -33.96 -16.59
N SER A 495 -13.38 -34.70 -17.50
CA SER A 495 -14.18 -35.84 -17.08
C SER A 495 -13.31 -36.95 -16.50
N LYS A 496 -12.20 -37.27 -17.16
CA LYS A 496 -11.26 -38.24 -16.59
C LYS A 496 -10.77 -37.79 -15.23
N ASN A 497 -10.43 -36.51 -15.09
CA ASN A 497 -9.89 -36.04 -13.82
C ASN A 497 -10.92 -36.16 -12.69
N TYR A 498 -12.12 -35.61 -12.89
CA TYR A 498 -13.11 -35.39 -11.84
C TYR A 498 -14.47 -36.03 -12.14
N GLY A 499 -14.84 -36.16 -13.41
CA GLY A 499 -16.09 -36.80 -13.76
C GLY A 499 -17.33 -35.97 -13.56
N ILE A 500 -17.17 -34.70 -13.16
CA ILE A 500 -18.34 -33.83 -12.99
C ILE A 500 -18.98 -33.60 -14.35
N THR A 501 -20.32 -33.53 -14.35
CA THR A 501 -21.07 -33.29 -15.57
C THR A 501 -20.85 -31.85 -16.02
N VAL A 502 -20.11 -31.66 -17.10
CA VAL A 502 -19.98 -30.34 -17.69
C VAL A 502 -21.36 -29.93 -18.22
N LYS A 503 -21.99 -28.97 -17.54
CA LYS A 503 -23.40 -28.71 -17.79
C LYS A 503 -23.66 -28.23 -19.21
N GLU A 504 -22.84 -27.31 -19.71
CA GLU A 504 -23.07 -26.65 -20.98
C GLU A 504 -21.96 -27.00 -21.97
N GLU A 505 -22.34 -27.53 -23.13
CA GLU A 505 -21.43 -27.54 -24.27
C GLU A 505 -21.18 -26.13 -24.77
N ASP A 506 -22.14 -25.24 -24.60
CA ASP A 506 -22.06 -23.90 -25.17
C ASP A 506 -21.13 -22.98 -24.38
N GLN A 507 -20.83 -23.32 -23.13
CA GLN A 507 -20.14 -22.38 -22.26
C GLN A 507 -18.76 -22.06 -22.80
N PRO A 508 -18.34 -20.80 -22.83
CA PRO A 508 -17.00 -20.47 -23.32
C PRO A 508 -15.96 -20.88 -22.29
N LEU A 509 -14.69 -20.62 -22.62
CA LEU A 509 -13.57 -20.92 -21.74
C LEU A 509 -12.78 -19.65 -21.47
N LEU A 510 -12.34 -19.52 -20.21
CA LEU A 510 -11.51 -18.41 -19.77
C LEU A 510 -10.04 -18.76 -19.97
N ILE A 511 -9.32 -17.90 -20.69
CA ILE A 511 -7.91 -18.11 -20.98
C ILE A 511 -7.08 -17.42 -19.91
N HIS A 512 -6.10 -18.15 -19.39
CA HIS A 512 -5.01 -17.63 -18.58
C HIS A 512 -3.79 -17.39 -19.45
N ARG A 513 -2.84 -16.63 -18.91
CA ARG A 513 -1.59 -16.37 -19.62
C ARG A 513 -0.44 -16.21 -18.63
N GLY A 527 2.49 -22.58 -23.14
CA GLY A 527 1.19 -22.73 -23.77
C GLY A 527 0.14 -21.82 -23.18
N GLU A 528 -1.12 -22.25 -23.26
CA GLU A 528 -2.25 -21.49 -22.75
C GLU A 528 -3.15 -22.40 -21.94
N ILE A 529 -3.81 -21.82 -20.94
CA ILE A 529 -4.63 -22.56 -19.98
C ILE A 529 -6.08 -22.10 -20.12
N LEU A 530 -7.00 -23.06 -20.10
CA LEU A 530 -8.42 -22.79 -20.30
C LEU A 530 -9.22 -23.33 -19.12
N LEU A 531 -10.16 -22.52 -18.64
CA LEU A 531 -10.96 -22.84 -17.46
C LEU A 531 -12.43 -22.72 -17.81
N LEU A 532 -13.23 -23.66 -17.33
CA LEU A 532 -14.67 -23.56 -17.49
C LEU A 532 -15.24 -22.54 -16.51
N PRO A 533 -16.18 -21.68 -16.94
CA PRO A 533 -16.90 -20.84 -15.96
C PRO A 533 -17.65 -21.65 -14.93
N GLU A 534 -18.05 -22.88 -15.25
CA GLU A 534 -18.80 -23.70 -14.31
C GLU A 534 -17.96 -24.01 -13.06
N LEU A 535 -16.68 -24.31 -13.25
CA LEU A 535 -15.80 -24.73 -12.17
C LEU A 535 -14.88 -23.62 -11.68
N SER A 536 -15.21 -22.36 -11.98
CA SER A 536 -14.47 -21.22 -11.49
C SER A 536 -15.43 -20.24 -10.82
N PHE A 537 -14.94 -19.54 -9.80
CA PHE A 537 -15.76 -18.65 -8.99
C PHE A 537 -15.02 -17.35 -8.75
N MET A 538 -15.80 -16.27 -8.65
CA MET A 538 -15.23 -14.93 -8.56
C MET A 538 -14.57 -14.69 -7.21
N THR A 539 -13.65 -13.73 -7.20
CA THR A 539 -12.98 -13.26 -5.98
C THR A 539 -13.12 -11.74 -5.90
N GLY A 540 -13.02 -11.23 -4.69
CA GLY A 540 -13.12 -9.80 -4.49
C GLY A 540 -14.56 -9.32 -4.44
N ILE A 541 -14.79 -8.31 -3.61
CA ILE A 541 -16.14 -7.82 -3.36
C ILE A 541 -16.65 -7.11 -4.62
N PRO A 542 -17.95 -7.16 -4.92
CA PRO A 542 -18.45 -6.43 -6.09
C PRO A 542 -18.27 -4.93 -5.96
N GLU A 543 -18.08 -4.25 -7.09
CA GLU A 543 -17.96 -2.80 -7.08
C GLU A 543 -19.27 -2.15 -6.62
N LYS A 544 -20.40 -2.67 -7.08
CA LYS A 544 -21.69 -2.23 -6.55
C LYS A 544 -21.72 -2.40 -5.04
N MET A 545 -21.15 -3.50 -4.53
CA MET A 545 -21.07 -3.71 -3.09
C MET A 545 -20.18 -2.66 -2.44
N LYS A 546 -19.10 -2.27 -3.11
CA LYS A 546 -18.24 -1.21 -2.58
C LYS A 546 -19.02 0.09 -2.46
N LYS A 547 -19.81 0.43 -3.47
CA LYS A 547 -20.59 1.66 -3.42
C LYS A 547 -21.63 1.61 -2.30
N ASP A 548 -22.22 0.44 -2.08
CA ASP A 548 -23.27 0.32 -1.07
C ASP A 548 -22.68 0.42 0.33
N PHE A 549 -23.19 1.36 1.12
CA PHE A 549 -22.71 1.53 2.49
C PHE A 549 -23.10 0.35 3.36
N ARG A 550 -24.35 -0.13 3.24
CA ARG A 550 -24.84 -1.16 4.15
C ARG A 550 -24.05 -2.46 4.01
N ALA A 551 -23.88 -2.94 2.77
CA ALA A 551 -23.20 -4.20 2.55
C ALA A 551 -21.73 -4.11 2.97
N MET A 552 -21.07 -3.01 2.62
CA MET A 552 -19.68 -2.84 3.03
C MET A 552 -19.55 -2.81 4.54
N LYS A 553 -20.45 -2.10 5.22
CA LYS A 553 -20.32 -1.99 6.67
C LYS A 553 -20.65 -3.30 7.36
N ASP A 554 -21.61 -4.06 6.84
CA ASP A 554 -21.87 -5.38 7.40
C ASP A 554 -20.66 -6.30 7.22
N LEU A 555 -20.08 -6.31 6.02
CA LEU A 555 -18.90 -7.13 5.79
C LEU A 555 -17.75 -6.68 6.66
N ALA A 556 -17.63 -5.36 6.89
CA ALA A 556 -16.54 -4.85 7.71
C ALA A 556 -16.75 -5.23 9.17
N GLN A 557 -17.99 -5.15 9.67
CA GLN A 557 -18.27 -5.60 11.02
C GLN A 557 -17.91 -7.07 11.17
N GLN A 558 -18.21 -7.87 10.15
CA GLN A 558 -17.90 -9.30 10.23
C GLN A 558 -16.39 -9.53 10.16
N ILE A 559 -15.69 -8.73 9.35
CA ILE A 559 -14.25 -8.90 9.15
C ILE A 559 -13.46 -8.20 10.25
N ASN A 560 -13.87 -6.98 10.61
CA ASN A 560 -13.07 -6.16 11.51
C ASN A 560 -12.84 -6.87 12.84
N LEU A 561 -11.57 -6.94 13.24
CA LEU A 561 -11.16 -7.70 14.41
C LEU A 561 -10.62 -6.73 15.45
N SER A 562 -11.21 -6.75 16.64
CA SER A 562 -10.68 -5.96 17.73
C SER A 562 -9.32 -6.52 18.15
N PRO A 563 -8.50 -5.73 18.86
CA PRO A 563 -7.20 -6.26 19.29
C PRO A 563 -7.32 -7.53 20.12
N LYS A 564 -8.33 -7.60 20.98
CA LYS A 564 -8.57 -8.80 21.76
C LYS A 564 -8.85 -9.99 20.85
N GLN A 565 -9.66 -9.78 19.81
CA GLN A 565 -9.99 -10.88 18.90
C GLN A 565 -8.76 -11.33 18.11
N HIS A 566 -7.91 -10.39 17.71
CA HIS A 566 -6.68 -10.77 17.01
C HIS A 566 -5.77 -11.59 17.91
N HIS A 567 -5.60 -11.16 19.16
CA HIS A 567 -4.79 -11.93 20.09
C HIS A 567 -5.38 -13.31 20.32
N SER A 568 -6.70 -13.39 20.44
CA SER A 568 -7.35 -14.69 20.61
C SER A 568 -7.15 -15.58 19.40
N ALA A 569 -7.20 -15.00 18.20
CA ALA A 569 -6.98 -15.78 16.99
C ALA A 569 -5.57 -16.35 16.96
N LEU A 570 -4.57 -15.53 17.27
CA LEU A 570 -3.19 -16.06 17.31
C LEU A 570 -3.03 -17.11 18.40
N GLU A 571 -3.68 -16.91 19.55
CA GLU A 571 -3.62 -17.91 20.62
C GLU A 571 -4.23 -19.22 20.15
N CYS A 572 -5.36 -19.15 19.45
CA CYS A 572 -6.00 -20.36 18.94
C CYS A 572 -5.11 -21.06 17.93
N LEU A 573 -4.47 -20.30 17.03
CA LEU A 573 -3.56 -20.92 16.06
C LEU A 573 -2.39 -21.60 16.75
N LEU A 574 -1.80 -20.93 17.75
CA LEU A 574 -0.69 -21.53 18.47
C LEU A 574 -1.11 -22.80 19.20
N GLN A 575 -2.28 -22.76 19.85
CA GLN A 575 -2.77 -23.97 20.52
C GLN A 575 -3.01 -25.10 19.52
N ARG A 576 -3.59 -24.78 18.36
CA ARG A 576 -3.84 -25.82 17.36
C ARG A 576 -2.52 -26.44 16.88
N ILE A 577 -1.50 -25.61 16.66
CA ILE A 577 -0.19 -26.16 16.31
C ILE A 577 0.33 -27.04 17.45
N ALA A 578 0.11 -26.61 18.69
CA ALA A 578 0.64 -27.36 19.83
C ALA A 578 0.00 -28.74 19.94
N LYS A 579 -1.31 -28.83 19.75
CA LYS A 579 -1.99 -30.10 20.00
C LYS A 579 -1.63 -31.15 18.95
N ASN A 580 -1.48 -30.75 17.69
CA ASN A 580 -1.14 -31.70 16.64
C ASN A 580 0.32 -32.11 16.80
N GLU A 581 0.56 -33.39 17.06
CA GLU A 581 1.92 -33.86 17.28
C GLU A 581 2.75 -33.76 16.00
N ALA A 582 2.14 -34.02 14.84
CA ALA A 582 2.90 -34.04 13.59
C ALA A 582 3.49 -32.67 13.29
N ALA A 583 2.73 -31.59 13.51
CA ALA A 583 3.26 -30.25 13.27
C ALA A 583 4.41 -29.94 14.20
N THR A 584 4.28 -30.30 15.48
CA THR A 584 5.37 -30.06 16.42
C THR A 584 6.62 -30.82 16.02
N ASN A 585 6.47 -32.07 15.58
CA ASN A 585 7.62 -32.81 15.10
C ASN A 585 8.21 -32.18 13.84
N GLU A 586 7.35 -31.64 12.99
CA GLU A 586 7.81 -30.99 11.76
C GLU A 586 8.68 -29.78 12.08
N LEU A 587 8.28 -28.99 13.08
CA LEU A 587 9.06 -27.81 13.43
C LEU A 587 10.29 -28.18 14.24
N MET A 588 10.20 -29.22 15.08
CA MET A 588 11.24 -29.49 16.07
C MET A 588 12.54 -29.98 15.42
N ARG A 589 12.45 -30.67 14.29
CA ARG A 589 13.63 -31.28 13.69
C ARG A 589 14.68 -30.23 13.34
N TRP A 590 14.25 -29.12 12.74
CA TRP A 590 15.16 -27.99 12.51
C TRP A 590 15.55 -27.32 13.82
N GLY A 591 14.76 -27.51 14.87
CA GLY A 591 15.11 -27.05 16.20
C GLY A 591 14.28 -25.87 16.65
N LEU A 592 13.08 -25.73 16.11
CA LEU A 592 12.24 -24.57 16.33
C LEU A 592 11.04 -24.95 17.16
N ARG A 593 10.75 -24.16 18.20
CA ARG A 593 9.56 -24.31 19.01
C ARG A 593 8.95 -22.93 19.25
N LEU A 594 7.63 -22.88 19.20
CA LEU A 594 6.89 -21.64 19.35
C LEU A 594 6.53 -21.43 20.81
N GLN A 595 6.79 -20.23 21.33
CA GLN A 595 6.41 -19.92 22.69
C GLN A 595 4.90 -19.81 22.81
N LYS A 596 4.41 -19.80 24.05
CA LYS A 596 2.98 -19.98 24.29
C LYS A 596 2.18 -18.71 24.01
N ASP A 597 2.79 -17.54 24.13
CA ASP A 597 2.08 -16.27 24.01
C ASP A 597 2.86 -15.31 23.14
N VAL A 598 2.16 -14.28 22.67
CA VAL A 598 2.78 -13.26 21.82
C VAL A 598 3.78 -12.45 22.63
N HIS A 599 4.70 -11.80 21.93
CA HIS A 599 5.76 -11.05 22.59
C HIS A 599 5.21 -9.80 23.26
N LYS A 600 5.92 -9.33 24.27
CA LYS A 600 5.64 -8.08 24.94
C LYS A 600 6.92 -7.25 24.98
N ILE A 601 6.83 -6.00 24.52
CA ILE A 601 8.00 -5.14 24.39
C ILE A 601 7.73 -3.79 25.05
N GLU A 602 8.80 -3.00 25.16
CA GLU A 602 8.74 -1.66 25.71
C GLU A 602 8.85 -0.65 24.57
N GLY A 603 7.84 0.20 24.44
CA GLY A 603 7.88 1.29 23.48
C GLY A 603 7.38 2.56 24.13
N ARG A 604 7.86 3.69 23.61
CA ARG A 604 7.63 4.98 24.23
C ARG A 604 6.69 5.84 23.38
N VAL A 605 5.87 6.62 24.06
CA VAL A 605 4.99 7.59 23.42
C VAL A 605 5.69 8.95 23.46
N LEU A 606 5.82 9.58 22.30
CA LEU A 606 6.54 10.83 22.20
C LEU A 606 5.65 11.97 22.70
N PRO A 607 6.24 13.07 23.17
CA PRO A 607 5.43 14.14 23.76
C PRO A 607 4.55 14.81 22.70
N MET A 608 3.40 15.29 23.16
CA MET A 608 2.46 15.95 22.26
C MET A 608 3.04 17.27 21.79
N GLU A 609 2.62 17.70 20.60
CA GLU A 609 3.26 18.83 19.94
C GLU A 609 2.43 20.11 20.12
N ARG A 610 3.04 21.23 19.75
CA ARG A 610 2.41 22.53 19.76
C ARG A 610 2.06 22.95 18.35
N ILE A 611 0.80 23.29 18.11
CA ILE A 611 0.35 23.85 16.85
C ILE A 611 0.26 25.35 17.02
N ASN A 612 1.09 26.09 16.28
CA ASN A 612 1.18 27.54 16.44
C ASN A 612 0.47 28.22 15.27
N LEU A 613 -0.65 28.87 15.57
CA LEU A 613 -1.28 29.82 14.67
C LEU A 613 -0.71 31.21 14.96
N LYS A 614 -1.07 32.18 14.12
CA LYS A 614 -0.47 33.51 14.25
C LYS A 614 -0.83 34.15 15.58
N ASN A 615 -2.13 34.19 15.90
CA ASN A 615 -2.55 34.83 17.14
C ASN A 615 -2.24 33.97 18.36
N THR A 616 -2.46 32.65 18.24
CA THR A 616 -2.38 31.76 19.39
C THR A 616 -1.73 30.44 18.97
N SER A 617 -1.26 29.72 19.98
CA SER A 617 -0.76 28.35 19.83
C SER A 617 -1.53 27.46 20.80
N PHE A 618 -1.81 26.23 20.40
CA PHE A 618 -2.53 25.30 21.26
C PHE A 618 -1.88 23.92 21.22
N ILE A 619 -1.97 23.21 22.34
CA ILE A 619 -1.40 21.88 22.46
C ILE A 619 -2.49 20.85 22.19
N THR A 620 -2.23 19.94 21.27
CA THR A 620 -3.15 18.84 21.03
C THR A 620 -3.35 18.03 22.31
N SER A 621 -4.59 17.61 22.57
CA SER A 621 -4.98 17.00 23.83
C SER A 621 -5.68 15.66 23.56
N GLN A 622 -4.87 14.60 23.39
CA GLN A 622 -5.25 13.19 23.52
C GLN A 622 -6.30 12.72 22.52
N GLU A 623 -6.80 13.58 21.63
CA GLU A 623 -7.63 13.15 20.51
C GLU A 623 -6.95 13.38 19.18
N LEU A 624 -5.91 14.22 19.13
CA LEU A 624 -5.11 14.44 17.93
C LEU A 624 -5.99 15.00 16.81
N ASN A 625 -6.88 15.92 17.15
CA ASN A 625 -7.72 16.64 16.20
C ASN A 625 -7.67 18.11 16.54
N TRP A 626 -7.34 18.94 15.55
CA TRP A 626 -7.36 20.40 15.72
C TRP A 626 -8.63 21.02 15.15
N VAL A 627 -9.63 20.18 14.80
CA VAL A 627 -10.67 20.60 13.86
C VAL A 627 -11.44 21.81 14.40
N LYS A 628 -11.73 21.83 15.69
CA LYS A 628 -12.53 22.93 16.23
C LYS A 628 -11.71 24.20 16.34
N GLU A 629 -10.39 24.06 16.54
CA GLU A 629 -9.57 25.22 16.87
C GLU A 629 -9.18 26.01 15.63
N VAL A 630 -8.95 25.32 14.51
CA VAL A 630 -8.52 26.02 13.29
C VAL A 630 -9.60 26.99 12.82
N THR A 631 -10.86 26.56 12.89
CA THR A 631 -11.94 27.42 12.43
C THR A 631 -12.09 28.66 13.30
N ARG A 632 -11.91 28.51 14.62
CA ARG A 632 -12.19 29.60 15.53
C ARG A 632 -11.23 30.77 15.37
N ASP A 633 -9.94 30.50 15.17
CA ASP A 633 -8.90 31.51 15.21
C ASP A 633 -8.29 31.73 13.83
N PRO A 634 -7.72 32.92 13.56
CA PRO A 634 -7.11 33.16 12.26
C PRO A 634 -5.94 32.22 11.99
N SER A 635 -5.71 31.92 10.72
CA SER A 635 -4.55 31.16 10.30
C SER A 635 -3.36 32.08 10.06
N ILE A 636 -2.23 31.49 9.67
CA ILE A 636 -0.99 32.25 9.57
C ILE A 636 -1.07 33.27 8.42
N LEU A 637 -1.54 32.83 7.26
CA LEU A 637 -1.61 33.70 6.08
C LEU A 637 -2.90 33.43 5.33
N THR A 638 -3.74 34.45 5.25
CA THR A 638 -5.01 34.40 4.51
C THR A 638 -4.91 35.34 3.32
N ILE A 639 -5.05 34.80 2.13
CA ILE A 639 -4.92 35.57 0.89
C ILE A 639 -6.30 36.06 0.50
N PRO A 640 -6.57 37.38 0.51
CA PRO A 640 -7.95 37.86 0.36
C PRO A 640 -8.54 37.46 -0.99
N MET A 641 -9.84 37.17 -0.97
CA MET A 641 -10.61 36.76 -2.14
C MET A 641 -11.52 37.92 -2.54
N HIS A 642 -11.32 38.44 -3.76
CA HIS A 642 -12.11 39.55 -4.24
C HIS A 642 -12.71 39.30 -5.62
N PHE A 643 -11.96 38.62 -6.48
CA PHE A 643 -12.36 38.36 -7.86
C PHE A 643 -12.34 36.84 -8.08
N TRP A 644 -13.51 36.21 -8.00
CA TRP A 644 -13.62 34.77 -8.20
C TRP A 644 -14.99 34.46 -8.76
N ALA A 645 -15.11 33.27 -9.37
CA ALA A 645 -16.29 32.90 -10.13
C ALA A 645 -16.88 31.59 -9.64
N LEU A 646 -18.20 31.58 -9.44
CA LEU A 646 -18.95 30.39 -9.09
C LEU A 646 -19.87 30.03 -10.25
N PHE A 647 -19.67 28.84 -10.81
CA PHE A 647 -20.46 28.30 -11.91
C PHE A 647 -21.41 27.27 -11.32
N TYR A 648 -22.71 27.51 -11.45
CA TYR A 648 -23.71 26.69 -10.78
C TYR A 648 -24.76 26.19 -11.76
N PRO A 649 -25.28 24.97 -11.57
CA PRO A 649 -26.42 24.52 -12.39
C PRO A 649 -27.70 25.28 -12.06
N LYS A 650 -28.61 25.29 -13.03
CA LYS A 650 -29.88 26.00 -12.86
C LYS A 650 -30.70 25.41 -11.72
N ARG A 651 -30.81 24.08 -11.67
CA ARG A 651 -31.74 23.46 -10.73
C ARG A 651 -31.27 23.58 -9.29
N ALA A 652 -29.99 23.88 -9.06
CA ALA A 652 -29.41 23.87 -7.72
C ALA A 652 -29.18 25.28 -7.15
N MET A 653 -29.74 26.31 -7.79
CA MET A 653 -29.50 27.70 -7.40
C MET A 653 -29.63 27.90 -5.90
N ASP A 654 -30.78 27.52 -5.33
CA ASP A 654 -31.01 27.75 -3.90
C ASP A 654 -29.90 27.14 -3.07
N GLN A 655 -29.53 25.89 -3.35
CA GLN A 655 -28.44 25.28 -2.58
C GLN A 655 -27.17 26.09 -2.74
N ALA A 656 -26.83 26.44 -3.99
CA ALA A 656 -25.65 27.25 -4.24
C ALA A 656 -25.72 28.55 -3.46
N ARG A 657 -26.91 29.16 -3.38
CA ARG A 657 -27.04 30.41 -2.64
C ARG A 657 -26.57 30.23 -1.22
N GLU A 658 -27.06 29.18 -0.55
CA GLU A 658 -26.68 28.97 0.84
C GLU A 658 -25.16 28.89 0.97
N LEU A 659 -24.50 28.25 0.00
CA LEU A 659 -23.06 28.05 0.10
C LEU A 659 -22.33 29.36 0.23
N VAL A 660 -22.75 30.40 -0.52
CA VAL A 660 -22.02 31.67 -0.38
C VAL A 660 -22.37 32.31 0.95
N ASN A 661 -23.65 32.29 1.33
CA ASN A 661 -24.09 33.06 2.49
C ASN A 661 -23.38 32.58 3.75
N MET A 662 -23.47 31.28 4.01
CA MET A 662 -22.76 30.71 5.14
C MET A 662 -21.26 30.96 5.01
N LEU A 663 -20.73 30.89 3.78
CA LEU A 663 -19.31 31.09 3.58
C LEU A 663 -18.87 32.47 4.04
N GLU A 664 -19.77 33.46 4.02
CA GLU A 664 -19.41 34.76 4.54
C GLU A 664 -19.34 34.73 6.06
N LYS A 665 -20.33 34.12 6.72
CA LYS A 665 -20.41 34.19 8.16
C LYS A 665 -19.21 33.52 8.82
N ILE A 666 -18.75 32.41 8.24
CA ILE A 666 -17.58 31.72 8.77
C ILE A 666 -16.29 32.45 8.42
N ALA A 667 -16.30 33.28 7.38
CA ALA A 667 -15.04 33.79 6.83
C ALA A 667 -14.34 34.72 7.81
N GLY A 668 -15.09 35.41 8.66
CA GLY A 668 -14.52 36.37 9.57
C GLY A 668 -13.52 35.78 10.55
N PRO A 669 -13.92 34.74 11.29
CA PRO A 669 -13.01 34.13 12.26
C PRO A 669 -11.68 33.69 11.68
N ILE A 670 -11.70 33.12 10.48
CA ILE A 670 -10.52 32.51 9.90
C ILE A 670 -9.54 33.53 9.33
N GLY A 671 -9.97 34.78 9.16
CA GLY A 671 -9.10 35.84 8.69
C GLY A 671 -9.28 36.20 7.23
N MET A 672 -10.03 35.43 6.48
CA MET A 672 -10.30 35.76 5.09
C MET A 672 -11.25 36.95 4.98
N ARG A 673 -10.99 37.82 4.01
CA ARG A 673 -11.91 38.87 3.58
C ARG A 673 -12.43 38.45 2.22
N MET A 674 -13.71 38.10 2.14
CA MET A 674 -14.32 37.56 0.94
C MET A 674 -15.42 38.50 0.45
N SER A 675 -15.40 38.77 -0.86
CA SER A 675 -16.45 39.55 -1.49
C SER A 675 -17.50 38.62 -2.08
N PRO A 676 -18.64 39.16 -2.51
CA PRO A 676 -19.64 38.32 -3.19
C PRO A 676 -19.08 37.76 -4.48
N PRO A 677 -19.62 36.63 -4.95
CA PRO A 677 -19.03 35.98 -6.12
C PRO A 677 -19.52 36.56 -7.43
N ALA A 678 -18.85 36.15 -8.50
CA ALA A 678 -19.37 36.32 -9.85
C ALA A 678 -20.16 35.08 -10.22
N TRP A 679 -21.47 35.25 -10.39
CA TRP A 679 -22.37 34.15 -10.66
C TRP A 679 -22.34 33.81 -12.14
N VAL A 680 -22.20 32.52 -12.45
CA VAL A 680 -22.30 32.01 -13.80
C VAL A 680 -23.34 30.90 -13.79
N GLU A 681 -24.41 31.09 -14.57
CA GLU A 681 -25.48 30.11 -14.66
C GLU A 681 -25.16 29.17 -15.81
N LEU A 682 -24.98 27.89 -15.48
CA LEU A 682 -24.68 26.89 -16.50
C LEU A 682 -26.00 26.31 -17.02
N LYS A 683 -26.26 26.55 -18.30
CA LYS A 683 -27.62 26.40 -18.83
C LYS A 683 -28.11 24.97 -18.70
N ASP A 684 -27.22 23.99 -18.92
CA ASP A 684 -27.61 22.60 -18.87
C ASP A 684 -26.42 21.77 -18.37
N ASP A 685 -26.68 20.47 -18.19
CA ASP A 685 -25.71 19.55 -17.61
C ASP A 685 -24.59 19.16 -18.56
N ARG A 686 -24.63 19.59 -19.82
CA ARG A 686 -23.72 19.04 -20.83
C ARG A 686 -22.28 19.49 -20.55
N ILE A 687 -21.34 18.59 -20.87
CA ILE A 687 -19.93 18.84 -20.57
C ILE A 687 -19.40 20.00 -21.40
N GLU A 688 -19.75 20.04 -22.69
CA GLU A 688 -19.23 21.07 -23.58
C GLU A 688 -19.66 22.45 -23.11
N THR A 689 -20.88 22.57 -22.60
CA THR A 689 -21.32 23.86 -22.06
C THR A 689 -20.51 24.23 -20.82
N TYR A 690 -20.23 23.26 -19.95
CA TYR A 690 -19.39 23.54 -18.79
C TYR A 690 -18.07 24.14 -19.22
N VAL A 691 -17.38 23.45 -20.13
CA VAL A 691 -16.05 23.88 -20.54
C VAL A 691 -16.10 25.24 -21.23
N ARG A 692 -17.05 25.42 -22.16
CA ARG A 692 -17.09 26.66 -22.90
C ARG A 692 -17.46 27.85 -22.00
N THR A 693 -18.39 27.66 -21.08
CA THR A 693 -18.78 28.76 -20.20
C THR A 693 -17.64 29.12 -19.24
N ILE A 694 -16.97 28.11 -18.68
CA ILE A 694 -15.83 28.39 -17.80
C ILE A 694 -14.75 29.14 -18.57
N GLN A 695 -14.44 28.69 -19.79
CA GLN A 695 -13.42 29.34 -20.59
C GLN A 695 -13.83 30.76 -20.96
N SER A 696 -15.11 30.97 -21.25
CA SER A 696 -15.58 32.31 -21.61
C SER A 696 -15.43 33.26 -20.44
N THR A 697 -15.85 32.83 -19.25
CA THR A 697 -15.71 33.68 -18.08
C THR A 697 -14.25 33.96 -17.76
N LEU A 698 -13.39 32.96 -17.97
CA LEU A 698 -11.97 33.16 -17.69
C LEU A 698 -11.32 34.10 -18.69
N GLY A 699 -11.68 33.98 -19.97
CA GLY A 699 -11.15 34.88 -20.97
C GLY A 699 -11.64 36.30 -20.79
N ALA A 700 -12.89 36.46 -20.38
CA ALA A 700 -13.45 37.79 -20.19
C ALA A 700 -12.70 38.56 -19.10
N GLU A 701 -12.39 37.89 -18.00
CA GLU A 701 -11.71 38.50 -16.87
C GLU A 701 -10.45 37.71 -16.53
N GLY A 702 -9.30 38.38 -16.57
CA GLY A 702 -8.04 37.77 -16.17
C GLY A 702 -7.79 37.79 -14.68
N LYS A 703 -8.67 38.39 -13.90
CA LYS A 703 -8.51 38.51 -12.46
C LYS A 703 -9.24 37.40 -11.70
N ILE A 704 -9.86 36.45 -12.38
CA ILE A 704 -10.56 35.37 -11.69
C ILE A 704 -9.56 34.56 -10.89
N GLN A 705 -9.71 34.60 -9.56
CA GLN A 705 -8.80 33.92 -8.66
C GLN A 705 -9.18 32.46 -8.42
N MET A 706 -10.47 32.16 -8.29
CA MET A 706 -10.94 30.81 -8.01
C MET A 706 -12.05 30.45 -8.97
N VAL A 707 -11.97 29.23 -9.50
CA VAL A 707 -13.05 28.63 -10.28
C VAL A 707 -13.74 27.63 -9.37
N VAL A 708 -14.92 27.99 -8.88
CA VAL A 708 -15.72 27.10 -8.04
C VAL A 708 -16.86 26.59 -8.91
N CYS A 709 -17.04 25.28 -8.96
CA CYS A 709 -18.06 24.65 -9.79
C CYS A 709 -18.87 23.68 -8.96
N ILE A 710 -20.18 23.74 -9.08
CA ILE A 710 -21.08 22.77 -8.47
C ILE A 710 -21.47 21.76 -9.54
N ILE A 711 -21.15 20.49 -9.30
CA ILE A 711 -21.50 19.41 -10.22
C ILE A 711 -22.58 18.57 -9.55
N MET A 712 -23.46 18.02 -10.37
CA MET A 712 -24.64 17.29 -9.91
C MET A 712 -24.44 15.80 -10.07
N GLY A 713 -24.71 15.05 -9.00
CA GLY A 713 -24.56 13.62 -8.99
C GLY A 713 -23.10 13.22 -8.93
N PRO A 714 -22.83 11.92 -8.95
CA PRO A 714 -21.44 11.43 -9.01
C PRO A 714 -20.92 11.42 -10.44
N ARG A 715 -20.90 12.59 -11.07
CA ARG A 715 -20.57 12.73 -12.48
C ARG A 715 -19.07 12.98 -12.61
N ASP A 716 -18.29 11.90 -12.55
CA ASP A 716 -16.85 12.00 -12.69
C ASP A 716 -16.43 12.46 -14.08
N ASP A 717 -17.23 12.16 -15.10
CA ASP A 717 -16.91 12.64 -16.44
C ASP A 717 -16.86 14.16 -16.47
N LEU A 718 -17.75 14.82 -15.72
CA LEU A 718 -17.66 16.27 -15.59
C LEU A 718 -16.37 16.67 -14.89
N TYR A 719 -16.10 16.08 -13.72
CA TYR A 719 -14.92 16.47 -12.90
C TYR A 719 -13.64 16.36 -13.71
N GLY A 720 -13.49 15.29 -14.51
CA GLY A 720 -12.31 15.16 -15.34
C GLY A 720 -12.14 16.34 -16.29
N ALA A 721 -13.22 16.72 -16.98
CA ALA A 721 -13.14 17.81 -17.93
C ALA A 721 -12.81 19.13 -17.24
N ILE A 722 -13.47 19.42 -16.11
CA ILE A 722 -13.22 20.68 -15.41
C ILE A 722 -11.76 20.74 -14.97
N LYS A 723 -11.27 19.66 -14.36
CA LYS A 723 -9.90 19.69 -13.85
C LYS A 723 -8.89 19.76 -14.98
N LYS A 724 -9.18 19.09 -16.10
CA LYS A 724 -8.28 19.16 -17.24
C LYS A 724 -8.23 20.58 -17.82
N LEU A 725 -9.38 21.24 -17.90
CA LEU A 725 -9.40 22.62 -18.41
C LEU A 725 -8.62 23.54 -17.47
N CYS A 726 -8.90 23.46 -16.18
CA CYS A 726 -8.30 24.42 -15.25
C CYS A 726 -6.81 24.19 -15.07
N CYS A 727 -6.40 22.92 -14.91
CA CYS A 727 -5.01 22.66 -14.53
C CYS A 727 -4.04 22.90 -15.68
N VAL A 728 -4.43 22.57 -16.90
CA VAL A 728 -3.52 22.57 -18.04
C VAL A 728 -3.86 23.67 -19.05
N GLN A 729 -5.06 23.62 -19.63
CA GLN A 729 -5.37 24.52 -20.74
C GLN A 729 -5.41 25.98 -20.29
N SER A 730 -6.16 26.27 -19.23
CA SER A 730 -6.33 27.63 -18.71
C SER A 730 -5.90 27.60 -17.25
N PRO A 731 -4.61 27.84 -16.97
CA PRO A 731 -4.14 27.77 -15.57
C PRO A 731 -4.93 28.66 -14.64
N VAL A 732 -5.66 28.02 -13.73
CA VAL A 732 -6.42 28.71 -12.69
C VAL A 732 -6.70 27.68 -11.59
N PRO A 733 -6.58 28.02 -10.31
CA PRO A 733 -6.96 27.04 -9.27
C PRO A 733 -8.41 26.65 -9.38
N SER A 734 -8.67 25.36 -9.13
CA SER A 734 -9.98 24.75 -9.35
C SER A 734 -10.52 24.17 -8.06
N GLN A 735 -11.81 24.36 -7.83
CA GLN A 735 -12.52 23.74 -6.71
C GLN A 735 -13.85 23.22 -7.23
N VAL A 736 -14.16 21.97 -6.90
CA VAL A 736 -15.41 21.32 -7.28
C VAL A 736 -16.16 20.99 -6.00
N VAL A 737 -17.47 21.25 -5.99
CA VAL A 737 -18.30 21.01 -4.81
C VAL A 737 -19.56 20.29 -5.27
N ASN A 738 -19.63 18.98 -5.02
CA ASN A 738 -20.83 18.23 -5.33
C ASN A 738 -22.01 18.80 -4.53
N VAL A 739 -23.18 18.84 -5.18
CA VAL A 739 -24.36 19.38 -4.52
C VAL A 739 -24.76 18.54 -3.32
N ARG A 740 -24.40 17.26 -3.33
CA ARG A 740 -24.79 16.31 -2.26
C ARG A 740 -24.25 16.78 -0.90
N THR A 741 -23.01 17.26 -0.86
CA THR A 741 -22.41 17.70 0.39
C THR A 741 -23.08 18.97 0.91
N ILE A 742 -23.35 19.93 0.03
CA ILE A 742 -23.91 21.20 0.47
C ILE A 742 -25.40 21.07 0.75
N GLY A 743 -26.04 20.02 0.23
CA GLY A 743 -27.49 19.93 0.33
C GLY A 743 -27.98 19.75 1.76
N GLN A 744 -27.25 18.99 2.56
CA GLN A 744 -27.72 18.68 3.91
C GLN A 744 -27.76 19.95 4.74
N PRO A 745 -28.91 20.33 5.33
CA PRO A 745 -28.96 21.61 6.04
C PRO A 745 -28.04 21.67 7.26
N THR A 746 -27.98 20.60 8.05
CA THR A 746 -27.30 20.67 9.33
C THR A 746 -25.79 20.83 9.16
N ARG A 747 -25.20 20.16 8.18
CA ARG A 747 -23.75 20.07 8.06
C ARG A 747 -23.14 21.19 7.24
N LEU A 748 -23.89 22.27 6.98
CA LEU A 748 -23.39 23.28 6.05
C LEU A 748 -22.22 24.06 6.64
N ARG A 749 -22.24 24.32 7.96
CA ARG A 749 -21.20 25.15 8.56
C ARG A 749 -19.84 24.48 8.46
N SER A 750 -19.73 23.23 8.90
CA SER A 750 -18.44 22.54 8.86
C SER A 750 -17.97 22.32 7.42
N VAL A 751 -18.90 21.96 6.53
CA VAL A 751 -18.53 21.75 5.14
C VAL A 751 -18.00 23.05 4.55
N ALA A 752 -18.67 24.16 4.83
CA ALA A 752 -18.21 25.45 4.34
C ALA A 752 -16.83 25.78 4.89
N GLN A 753 -16.59 25.47 6.17
CA GLN A 753 -15.28 25.73 6.75
C GLN A 753 -14.19 24.93 6.04
N LYS A 754 -14.43 23.65 5.79
CA LYS A 754 -13.40 22.85 5.13
C LYS A 754 -13.16 23.32 3.70
N ILE A 755 -14.24 23.67 2.99
CA ILE A 755 -14.08 24.22 1.65
C ILE A 755 -13.27 25.52 1.69
N LEU A 756 -13.53 26.35 2.70
CA LEU A 756 -12.85 27.63 2.79
C LEU A 756 -11.37 27.45 3.10
N LEU A 757 -11.02 26.51 3.99
CA LEU A 757 -9.61 26.20 4.20
C LEU A 757 -8.95 25.66 2.94
N GLN A 758 -9.65 24.81 2.19
CA GLN A 758 -9.06 24.30 0.96
C GLN A 758 -8.81 25.43 -0.04
N ILE A 759 -9.77 26.35 -0.17
CA ILE A 759 -9.60 27.51 -1.03
C ILE A 759 -8.44 28.36 -0.55
N ASN A 760 -8.28 28.48 0.77
CA ASN A 760 -7.13 29.19 1.33
C ASN A 760 -5.82 28.55 0.89
N CYS A 761 -5.74 27.22 0.96
CA CYS A 761 -4.52 26.53 0.55
C CYS A 761 -4.25 26.71 -0.93
N LYS A 762 -5.30 26.65 -1.76
CA LYS A 762 -5.11 26.70 -3.20
C LYS A 762 -4.69 28.09 -3.66
N LEU A 763 -5.20 29.13 -3.00
CA LEU A 763 -4.86 30.50 -3.36
C LEU A 763 -3.44 30.90 -2.96
N GLY A 764 -2.75 30.06 -2.18
CA GLY A 764 -1.39 30.31 -1.77
C GLY A 764 -1.20 30.64 -0.30
N GLY A 765 -2.28 30.64 0.48
CA GLY A 765 -2.18 30.92 1.89
C GLY A 765 -1.69 29.73 2.70
N GLU A 766 -1.69 29.91 4.02
CA GLU A 766 -1.20 28.93 4.97
C GLU A 766 -2.21 28.76 6.09
N LEU A 767 -2.31 27.55 6.64
CA LEU A 767 -3.29 27.22 7.67
C LEU A 767 -2.67 27.13 9.07
N TRP A 768 -1.66 26.29 9.27
CA TRP A 768 -1.03 26.16 10.56
C TRP A 768 0.38 25.62 10.38
N GLY A 769 1.12 25.59 11.48
CA GLY A 769 2.48 25.10 11.47
C GLY A 769 2.84 24.47 12.80
N VAL A 770 4.02 23.85 12.83
CA VAL A 770 4.58 23.25 14.03
C VAL A 770 6.01 23.74 14.18
N ASP A 771 6.45 23.93 15.42
CA ASP A 771 7.82 24.36 15.67
C ASP A 771 8.80 23.32 15.14
N ILE A 772 9.77 23.77 14.35
CA ILE A 772 10.73 22.91 13.66
C ILE A 772 12.07 23.05 14.38
N PRO A 773 12.64 21.96 14.93
CA PRO A 773 13.89 22.12 15.70
C PRO A 773 15.09 22.43 14.82
N LEU A 774 15.22 21.72 13.69
CA LEU A 774 16.38 21.87 12.83
C LEU A 774 16.36 23.22 12.12
N LYS A 775 17.52 23.60 11.56
CA LYS A 775 17.78 24.95 11.05
C LYS A 775 18.26 24.86 9.60
N GLN A 776 17.76 25.74 8.74
CA GLN A 776 17.92 25.61 7.28
C GLN A 776 17.70 24.16 6.83
N LEU A 777 16.42 23.80 6.83
CA LEU A 777 15.95 22.46 6.47
C LEU A 777 15.09 22.51 5.21
N MET A 778 15.23 21.50 4.35
CA MET A 778 14.33 21.26 3.23
C MET A 778 13.90 19.80 3.28
N VAL A 779 12.61 19.57 3.46
CA VAL A 779 12.10 18.20 3.54
C VAL A 779 11.53 17.75 2.20
N ILE A 780 12.38 17.18 1.35
CA ILE A 780 11.89 16.60 0.11
C ILE A 780 11.02 15.39 0.43
N GLY A 781 9.97 15.20 -0.37
CA GLY A 781 9.08 14.07 -0.21
C GLY A 781 8.57 13.60 -1.55
N MET A 782 8.72 12.31 -1.84
CA MET A 782 8.39 11.76 -3.14
C MET A 782 7.44 10.58 -3.00
N ASP A 783 6.69 10.33 -4.06
CA ASP A 783 5.82 9.16 -4.14
C ASP A 783 5.64 8.77 -5.59
N VAL A 784 5.10 7.57 -5.81
CA VAL A 784 4.85 7.04 -7.13
C VAL A 784 3.41 6.56 -7.20
N TYR A 785 2.74 6.90 -8.30
CA TYR A 785 1.40 6.40 -8.61
C TYR A 785 1.53 5.44 -9.79
N HIS A 786 1.33 4.16 -9.52
CA HIS A 786 1.26 3.13 -10.54
C HIS A 786 -0.21 2.98 -10.93
N ASP A 787 -0.52 3.14 -12.22
CA ASP A 787 -1.92 3.11 -12.63
C ASP A 787 -2.52 1.74 -12.34
N PRO A 788 -3.84 1.67 -12.14
CA PRO A 788 -4.47 0.35 -11.93
C PRO A 788 -4.19 -0.63 -13.05
N SER A 789 -4.19 -0.15 -14.29
CA SER A 789 -3.68 -0.92 -15.43
C SER A 789 -2.24 -0.49 -15.69
N ARG A 790 -1.27 -1.31 -15.34
CA ARG A 790 0.11 -0.80 -15.43
C ARG A 790 0.43 -0.34 -16.85
N GLY A 791 -0.15 -0.99 -17.84
CA GLY A 791 0.23 -0.55 -19.18
C GLY A 791 0.31 0.96 -19.29
N MET A 792 -0.56 1.66 -18.58
CA MET A 792 -0.57 3.12 -18.65
C MET A 792 0.64 3.69 -17.90
N ARG A 793 1.13 4.83 -18.40
CA ARG A 793 2.26 5.54 -17.79
C ARG A 793 2.05 5.70 -16.28
N SER A 794 3.08 5.38 -15.51
CA SER A 794 3.09 5.64 -14.07
C SER A 794 3.71 7.02 -13.84
N VAL A 795 3.54 7.51 -12.62
CA VAL A 795 3.85 8.90 -12.29
C VAL A 795 4.70 8.91 -11.03
N VAL A 796 5.59 9.91 -10.89
CA VAL A 796 6.32 10.16 -9.66
C VAL A 796 6.13 11.62 -9.28
N GLY A 797 5.58 11.85 -8.10
CA GLY A 797 5.36 13.19 -7.58
C GLY A 797 6.44 13.56 -6.57
N PHE A 798 6.76 14.86 -6.53
CA PHE A 798 7.86 15.42 -5.76
C PHE A 798 7.36 16.70 -5.13
N VAL A 799 7.51 16.84 -3.81
CA VAL A 799 7.11 18.04 -3.08
C VAL A 799 8.24 18.40 -2.13
N ALA A 800 8.71 19.65 -2.19
CA ALA A 800 9.84 20.08 -1.37
C ALA A 800 9.55 21.44 -0.75
N SER A 801 9.86 21.57 0.54
CA SER A 801 9.67 22.85 1.21
C SER A 801 10.60 23.90 0.64
N ILE A 802 10.11 25.14 0.55
CA ILE A 802 10.88 26.26 0.03
C ILE A 802 11.02 27.40 1.04
N ASN A 803 10.46 27.26 2.24
CA ASN A 803 10.65 28.25 3.30
C ASN A 803 10.98 27.51 4.59
N LEU A 804 11.61 28.24 5.51
CA LEU A 804 12.23 27.59 6.67
C LEU A 804 11.18 26.96 7.58
N THR A 805 10.02 27.59 7.74
CA THR A 805 8.98 27.07 8.62
C THR A 805 8.15 25.97 7.98
N LEU A 806 8.55 25.47 6.80
CA LEU A 806 7.92 24.31 6.18
C LEU A 806 6.43 24.55 5.94
N THR A 807 6.10 25.72 5.41
CA THR A 807 4.73 26.10 5.11
C THR A 807 4.49 26.42 3.64
N LYS A 808 5.53 26.57 2.83
CA LYS A 808 5.41 26.78 1.39
C LYS A 808 6.11 25.63 0.67
N TRP A 809 5.49 25.15 -0.40
CA TRP A 809 5.93 23.95 -1.09
C TRP A 809 6.15 24.20 -2.58
N TYR A 810 7.11 23.48 -3.13
CA TYR A 810 7.41 23.43 -4.55
C TYR A 810 7.07 22.02 -5.01
N SER A 811 6.08 21.91 -5.90
CA SER A 811 5.51 20.63 -6.31
C SER A 811 5.76 20.42 -7.79
N ARG A 812 6.42 19.33 -8.13
CA ARG A 812 6.65 18.96 -9.52
C ARG A 812 6.48 17.46 -9.71
N VAL A 813 6.08 17.07 -10.90
CA VAL A 813 5.75 15.69 -11.23
C VAL A 813 6.54 15.28 -12.46
N VAL A 814 7.10 14.07 -12.43
CA VAL A 814 7.84 13.50 -13.54
C VAL A 814 7.10 12.24 -13.96
N PHE A 815 6.73 12.17 -15.23
CA PHE A 815 6.00 11.02 -15.74
C PHE A 815 6.95 9.89 -16.11
N GLN A 816 6.48 8.66 -15.93
CA GLN A 816 7.29 7.50 -16.27
C GLN A 816 7.42 7.38 -17.78
N MET A 817 8.66 7.23 -18.25
CA MET A 817 8.97 7.10 -19.67
C MET A 817 9.83 5.85 -19.86
N PRO A 818 9.49 4.94 -20.78
CA PRO A 818 10.35 3.77 -20.98
C PRO A 818 11.76 4.13 -21.43
N HIS A 819 11.92 5.23 -22.17
CA HIS A 819 13.22 5.53 -22.74
C HIS A 819 14.21 6.01 -21.68
N GLN A 820 13.76 6.88 -20.78
CA GLN A 820 14.63 7.50 -19.78
C GLN A 820 14.23 7.05 -18.39
N GLU A 821 15.24 6.86 -17.53
CA GLU A 821 14.99 6.48 -16.15
C GLU A 821 14.57 7.69 -15.33
N ILE A 822 13.83 7.43 -14.25
CA ILE A 822 13.18 8.52 -13.52
C ILE A 822 14.20 9.34 -12.75
N VAL A 823 15.36 8.76 -12.42
CA VAL A 823 16.38 9.50 -11.72
C VAL A 823 16.84 10.71 -12.53
N ASP A 824 16.91 10.55 -13.86
CA ASP A 824 17.45 11.60 -14.71
C ASP A 824 16.63 12.89 -14.62
N SER A 825 15.33 12.77 -14.37
CA SER A 825 14.44 13.92 -14.24
C SER A 825 14.20 14.30 -12.78
N LEU A 826 14.30 13.34 -11.86
CA LEU A 826 14.35 13.71 -10.44
C LEU A 826 15.53 14.64 -10.18
N LYS A 827 16.62 14.46 -10.91
CA LYS A 827 17.74 15.39 -10.82
C LYS A 827 17.29 16.82 -11.12
N LEU A 828 16.60 17.01 -12.25
CA LEU A 828 16.18 18.35 -12.63
C LEU A 828 15.18 18.93 -11.65
N CYS A 829 14.27 18.10 -11.14
CA CYS A 829 13.32 18.58 -10.14
C CYS A 829 14.04 19.05 -8.89
N LEU A 830 15.03 18.28 -8.41
CA LEU A 830 15.78 18.69 -7.24
C LEU A 830 16.52 20.00 -7.49
N VAL A 831 17.12 20.13 -8.68
CA VAL A 831 17.84 21.36 -9.00
C VAL A 831 16.91 22.55 -8.98
N GLY A 832 15.72 22.41 -9.58
CA GLY A 832 14.76 23.50 -9.58
C GLY A 832 14.33 23.88 -8.17
N SER A 833 14.08 22.88 -7.32
CA SER A 833 13.68 23.17 -5.95
C SER A 833 14.80 23.91 -5.21
N LEU A 834 16.04 23.49 -5.41
CA LEU A 834 17.15 24.16 -4.74
C LEU A 834 17.30 25.60 -5.22
N LYS A 835 17.10 25.83 -6.51
CA LYS A 835 17.16 27.21 -7.00
C LYS A 835 16.04 28.06 -6.42
N LYS A 836 14.85 27.47 -6.28
CA LYS A 836 13.75 28.19 -5.65
C LYS A 836 14.09 28.56 -4.20
N PHE A 837 14.68 27.61 -3.47
CA PHE A 837 15.13 27.89 -2.11
C PHE A 837 16.17 29.01 -2.09
N TYR A 838 17.15 28.95 -2.99
CA TYR A 838 18.17 29.98 -3.10
C TYR A 838 17.55 31.36 -3.29
N GLU A 839 16.58 31.45 -4.19
CA GLU A 839 15.97 32.74 -4.47
C GLU A 839 15.14 33.24 -3.29
N VAL A 840 14.25 32.39 -2.77
CA VAL A 840 13.27 32.88 -1.80
C VAL A 840 13.94 33.21 -0.48
N ASN A 841 14.81 32.32 0.01
CA ASN A 841 15.40 32.44 1.34
C ASN A 841 16.90 32.76 1.33
N HIS A 842 17.45 33.14 0.18
CA HIS A 842 18.78 33.73 0.09
C HIS A 842 19.91 32.76 0.44
N CYS A 843 19.61 31.51 0.78
CA CYS A 843 20.61 30.54 1.19
C CYS A 843 20.10 29.12 0.95
N LEU A 844 20.96 28.27 0.41
CA LEU A 844 20.56 26.91 0.07
C LEU A 844 20.43 26.09 1.36
N PRO A 845 19.70 24.97 1.32
CA PRO A 845 19.51 24.20 2.55
C PRO A 845 20.83 23.66 3.08
N GLU A 846 21.03 23.82 4.39
CA GLU A 846 22.17 23.16 5.03
C GLU A 846 21.90 21.68 5.25
N LYS A 847 20.64 21.32 5.43
CA LYS A 847 20.23 19.94 5.65
C LYS A 847 19.01 19.64 4.77
N ILE A 848 19.07 18.54 4.04
CA ILE A 848 17.97 18.09 3.19
C ILE A 848 17.55 16.71 3.69
N VAL A 849 16.30 16.60 4.13
CA VAL A 849 15.75 15.34 4.64
C VAL A 849 14.77 14.80 3.61
N VAL A 850 15.06 13.63 3.07
CA VAL A 850 14.28 13.05 1.98
C VAL A 850 13.45 11.91 2.54
N TYR A 851 12.13 12.00 2.36
CA TYR A 851 11.21 10.91 2.68
C TYR A 851 10.75 10.29 1.38
N ARG A 852 11.32 9.14 1.05
CA ARG A 852 10.99 8.39 -0.16
C ARG A 852 9.90 7.39 0.19
N ASP A 853 8.84 7.38 -0.60
CA ASP A 853 7.72 6.47 -0.40
C ASP A 853 7.36 5.82 -1.75
N GLY A 854 6.45 4.86 -1.71
CA GLY A 854 6.18 4.07 -2.91
C GLY A 854 7.33 3.19 -3.32
N VAL A 855 8.03 2.62 -2.34
CA VAL A 855 9.11 1.66 -2.56
C VAL A 855 8.69 0.33 -1.97
N SER A 856 8.64 -0.71 -2.82
CA SER A 856 8.26 -2.03 -2.34
C SER A 856 9.37 -2.61 -1.46
N ASP A 857 9.11 -3.80 -0.93
CA ASP A 857 10.06 -4.43 -0.01
C ASP A 857 11.38 -4.75 -0.69
N GLY A 858 11.32 -5.11 -1.98
CA GLY A 858 12.52 -5.57 -2.66
C GLY A 858 13.57 -4.51 -2.89
N GLN A 859 13.15 -3.29 -3.23
CA GLN A 859 14.05 -2.30 -3.80
C GLN A 859 14.70 -1.39 -2.76
N LEU A 860 14.67 -1.75 -1.48
CA LEU A 860 15.41 -0.96 -0.49
C LEU A 860 16.89 -0.91 -0.83
N LYS A 861 17.43 -1.99 -1.41
CA LYS A 861 18.81 -1.98 -1.89
C LYS A 861 18.94 -1.23 -3.21
N THR A 862 17.88 -1.18 -4.01
CA THR A 862 17.94 -0.38 -5.22
C THR A 862 17.98 1.10 -4.90
N VAL A 863 17.05 1.58 -4.06
CA VAL A 863 17.01 3.00 -3.72
C VAL A 863 18.29 3.42 -3.02
N ALA A 864 18.75 2.60 -2.06
CA ALA A 864 19.89 2.99 -1.24
C ALA A 864 21.17 3.10 -2.06
N ASN A 865 21.36 2.19 -3.03
CA ASN A 865 22.62 2.13 -3.77
C ASN A 865 22.52 2.59 -5.22
N TYR A 866 21.33 2.85 -5.76
CA TYR A 866 21.20 3.38 -7.12
C TYR A 866 20.62 4.78 -7.14
N GLU A 867 19.42 5.00 -6.59
CA GLU A 867 18.78 6.32 -6.74
C GLU A 867 19.52 7.39 -5.95
N ILE A 868 19.78 7.13 -4.67
CA ILE A 868 20.33 8.17 -3.79
C ILE A 868 21.73 8.60 -4.22
N PRO A 869 22.66 7.69 -4.54
CA PRO A 869 23.98 8.17 -4.98
C PRO A 869 23.93 9.08 -6.20
N GLN A 870 23.00 8.84 -7.12
CA GLN A 870 22.88 9.72 -8.29
C GLN A 870 22.20 11.03 -7.91
N LEU A 871 21.24 11.00 -6.99
CA LEU A 871 20.56 12.22 -6.60
C LEU A 871 21.51 13.21 -5.93
N GLN A 872 22.60 12.71 -5.34
CA GLN A 872 23.57 13.59 -4.70
C GLN A 872 24.37 14.38 -5.73
N LYS A 873 24.63 13.78 -6.90
CA LYS A 873 25.43 14.44 -7.91
C LYS A 873 24.77 15.72 -8.45
N CYS A 874 23.48 15.89 -8.22
CA CYS A 874 22.81 17.13 -8.63
C CYS A 874 23.40 18.34 -7.93
N PHE A 875 23.94 18.14 -6.73
CA PHE A 875 24.55 19.25 -6.00
C PHE A 875 25.81 19.76 -6.68
N GLU A 876 26.37 19.00 -7.63
CA GLU A 876 27.57 19.44 -8.32
C GLU A 876 27.34 20.71 -9.12
N ALA A 877 26.11 20.91 -9.63
CA ALA A 877 25.83 22.09 -10.45
C ALA A 877 26.05 23.37 -9.65
N PHE A 878 25.61 23.38 -8.39
CA PHE A 878 25.85 24.53 -7.53
C PHE A 878 27.29 24.50 -7.01
N GLU A 879 27.91 25.67 -6.98
CA GLU A 879 29.34 25.77 -6.75
C GLU A 879 29.68 25.52 -5.29
N ASN A 880 30.49 24.48 -5.03
CA ASN A 880 31.03 24.18 -3.70
C ASN A 880 29.92 24.09 -2.66
N TYR A 881 28.88 23.32 -2.99
CA TYR A 881 27.72 23.15 -2.14
C TYR A 881 27.55 21.67 -1.84
N GLN A 882 27.68 21.29 -0.56
CA GLN A 882 27.60 19.90 -0.13
C GLN A 882 26.68 19.80 1.08
N PRO A 883 25.37 19.81 0.88
CA PRO A 883 24.45 19.74 2.02
C PRO A 883 24.46 18.36 2.67
N LYS A 884 23.94 18.31 3.88
CA LYS A 884 23.83 17.06 4.61
C LYS A 884 22.49 16.41 4.28
N MET A 885 22.53 15.16 3.84
CA MET A 885 21.37 14.46 3.31
C MET A 885 20.98 13.32 4.25
N VAL A 886 19.71 13.30 4.65
CA VAL A 886 19.13 12.20 5.41
C VAL A 886 17.97 11.65 4.61
N VAL A 887 18.01 10.36 4.31
CA VAL A 887 17.04 9.71 3.44
C VAL A 887 16.27 8.67 4.26
N PHE A 888 14.94 8.72 4.16
CA PHE A 888 14.06 7.72 4.76
C PHE A 888 13.25 7.05 3.66
N VAL A 889 13.02 5.75 3.83
CA VAL A 889 12.14 4.98 2.95
C VAL A 889 10.94 4.55 3.77
N VAL A 890 9.75 4.96 3.34
CA VAL A 890 8.52 4.79 4.11
C VAL A 890 7.73 3.62 3.52
N GLN A 891 7.30 2.70 4.39
CA GLN A 891 6.44 1.60 4.01
C GLN A 891 5.20 1.64 4.91
N LYS A 892 4.03 1.74 4.29
CA LYS A 892 2.77 1.75 5.02
C LYS A 892 2.03 0.42 4.91
N LYS A 893 2.52 -0.50 4.08
CA LYS A 893 1.89 -1.79 3.86
C LYS A 893 2.35 -2.85 4.86
N ILE A 894 2.99 -2.45 5.95
CA ILE A 894 3.63 -3.43 6.83
C ILE A 894 2.57 -4.29 7.50
N SER A 895 2.94 -5.53 7.82
CA SER A 895 1.99 -6.49 8.35
C SER A 895 1.90 -6.42 9.87
N THR A 896 2.92 -5.86 10.52
CA THR A 896 2.96 -5.83 11.98
C THR A 896 1.81 -5.01 12.55
N ASN A 897 1.19 -5.54 13.61
CA ASN A 897 0.18 -4.83 14.38
C ASN A 897 0.57 -4.85 15.84
N LEU A 898 0.55 -3.69 16.49
CA LEU A 898 0.87 -3.54 17.90
C LEU A 898 -0.35 -3.04 18.66
N TYR A 899 -0.44 -3.42 19.93
CA TYR A 899 -1.51 -2.98 20.82
C TYR A 899 -0.91 -2.59 22.16
N LEU A 900 -1.67 -1.77 22.89
CA LEU A 900 -1.31 -1.35 24.24
C LEU A 900 -1.72 -2.45 25.21
N ALA A 901 -0.74 -3.05 25.88
CA ALA A 901 -0.99 -4.09 26.87
C ALA A 901 -1.41 -3.41 28.17
N ALA A 902 -2.68 -3.08 28.25
CA ALA A 902 -3.18 -2.38 29.42
C ALA A 902 -3.14 -3.30 30.64
N PRO A 903 -3.26 -2.74 31.85
CA PRO A 903 -3.48 -3.62 33.02
C PRO A 903 -4.70 -4.51 32.86
N GLN A 904 -5.72 -4.05 32.12
CA GLN A 904 -6.99 -4.77 32.10
C GLN A 904 -7.00 -5.78 30.96
N ASN A 905 -6.91 -5.31 29.72
CA ASN A 905 -6.58 -6.17 28.57
C ASN A 905 -5.90 -5.33 27.50
N PHE A 906 -5.64 -5.98 26.36
CA PHE A 906 -5.13 -5.29 25.19
C PHE A 906 -6.09 -4.19 24.75
N VAL A 907 -5.53 -3.04 24.36
CA VAL A 907 -6.29 -1.86 24.02
C VAL A 907 -5.62 -1.19 22.83
N THR A 908 -6.41 -0.44 22.05
CA THR A 908 -5.88 0.23 20.88
C THR A 908 -4.76 1.18 21.28
N PRO A 909 -3.66 1.26 20.53
CA PRO A 909 -2.52 2.06 20.98
C PRO A 909 -2.79 3.55 20.85
N THR A 910 -2.19 4.32 21.75
CA THR A 910 -2.33 5.76 21.69
C THR A 910 -1.45 6.34 20.59
N PRO A 911 -1.76 7.54 20.08
CA PRO A 911 -0.93 8.12 19.02
C PRO A 911 0.48 8.40 19.49
N GLY A 912 1.43 8.26 18.56
CA GLY A 912 2.80 8.65 18.80
C GLY A 912 3.71 7.59 19.38
N THR A 913 3.31 6.32 19.37
CA THR A 913 4.11 5.26 19.94
C THR A 913 5.17 4.81 18.94
N VAL A 914 6.42 4.73 19.38
CA VAL A 914 7.55 4.38 18.53
C VAL A 914 8.18 3.10 19.08
N VAL A 915 8.39 2.12 18.20
CA VAL A 915 9.06 0.88 18.52
C VAL A 915 10.36 0.85 17.72
N ASP A 916 11.48 0.86 18.43
CA ASP A 916 12.81 0.87 17.82
C ASP A 916 13.66 -0.32 18.24
N HIS A 917 13.04 -1.38 18.77
CA HIS A 917 13.76 -2.56 19.21
C HIS A 917 12.89 -3.80 19.05
N THR A 918 13.54 -4.93 18.81
CA THR A 918 12.95 -6.26 18.88
C THR A 918 12.09 -6.62 17.67
N ILE A 919 11.70 -5.63 16.85
CA ILE A 919 11.04 -5.92 15.58
C ILE A 919 11.66 -5.17 14.41
N THR A 920 12.69 -4.37 14.63
CA THR A 920 13.35 -3.65 13.55
C THR A 920 14.37 -4.55 12.86
N SER A 921 14.70 -4.18 11.62
CA SER A 921 15.67 -4.95 10.85
C SER A 921 17.07 -4.73 11.38
N CYS A 922 18.00 -5.55 10.90
CA CYS A 922 19.38 -5.59 11.41
C CYS A 922 20.40 -5.08 10.40
N GLU A 923 19.96 -4.48 9.29
CA GLU A 923 20.88 -3.91 8.31
C GLU A 923 20.65 -2.43 8.07
N TRP A 924 19.71 -1.79 8.78
CA TRP A 924 19.42 -0.39 8.59
C TRP A 924 19.15 0.23 9.97
N VAL A 925 18.84 1.52 9.97
CA VAL A 925 18.36 2.23 11.14
C VAL A 925 16.89 2.56 10.88
N ASP A 926 15.99 1.94 11.63
CA ASP A 926 14.58 1.99 11.31
C ASP A 926 13.74 2.05 12.58
N PHE A 927 12.49 2.46 12.41
CA PHE A 927 11.55 2.53 13.53
C PHE A 927 10.13 2.39 13.00
N TYR A 928 9.23 2.05 13.91
CA TYR A 928 7.81 1.89 13.61
C TYR A 928 7.03 2.93 14.40
N LEU A 929 6.33 3.82 13.70
CA LEU A 929 5.62 4.94 14.31
C LEU A 929 4.13 4.80 14.03
N LEU A 930 3.32 4.89 15.09
CA LEU A 930 1.88 5.03 14.97
C LEU A 930 1.52 6.45 15.37
N ALA A 931 1.13 7.26 14.38
CA ALA A 931 0.80 8.66 14.59
C ALA A 931 -0.69 8.93 14.50
N HIS A 932 -1.39 8.30 13.56
CA HIS A 932 -2.82 8.50 13.41
C HIS A 932 -3.56 7.90 14.61
N HIS A 933 -4.65 8.56 15.00
CA HIS A 933 -5.53 8.05 16.05
C HIS A 933 -6.49 7.05 15.41
N VAL A 934 -6.51 5.83 15.94
CA VAL A 934 -7.23 4.72 15.31
C VAL A 934 -8.60 4.63 15.96
N ARG A 935 -9.65 4.88 15.17
CA ARG A 935 -11.01 4.77 15.67
C ARG A 935 -11.50 3.33 15.61
N GLN A 936 -11.14 2.59 14.57
CA GLN A 936 -11.66 1.25 14.30
C GLN A 936 -10.53 0.24 14.34
N GLY A 937 -10.85 -0.95 14.85
CA GLY A 937 -9.90 -2.05 14.82
C GLY A 937 -8.67 -1.77 15.67
N CYS A 938 -7.50 -2.03 15.08
CA CYS A 938 -6.22 -1.98 15.77
C CYS A 938 -5.25 -1.11 14.99
N GLY A 939 -4.26 -0.57 15.70
CA GLY A 939 -3.31 0.33 15.07
C GLY A 939 -2.22 -0.43 14.34
N ILE A 940 -2.01 -0.06 13.09
CA ILE A 940 -1.01 -0.65 12.22
C ILE A 940 0.12 0.38 12.04
N PRO A 941 1.32 0.15 12.58
CA PRO A 941 2.36 1.18 12.49
C PRO A 941 2.76 1.47 11.05
N THR A 942 3.60 2.49 10.91
CA THR A 942 4.26 2.85 9.66
C THR A 942 5.76 2.70 9.87
N HIS A 943 6.42 2.04 8.91
CA HIS A 943 7.81 1.66 9.04
C HIS A 943 8.70 2.64 8.29
N TYR A 944 9.59 3.31 9.01
CA TYR A 944 10.55 4.23 8.44
C TYR A 944 11.94 3.58 8.49
N VAL A 945 12.60 3.54 7.34
CA VAL A 945 13.94 2.96 7.20
C VAL A 945 14.86 4.03 6.64
N CYS A 946 15.97 4.28 7.32
CA CYS A 946 16.92 5.32 6.92
C CYS A 946 18.08 4.65 6.17
N VAL A 947 18.15 4.91 4.86
CA VAL A 947 19.20 4.31 4.04
C VAL A 947 20.47 5.16 3.99
N LEU A 948 20.39 6.45 4.27
CA LEU A 948 21.55 7.33 4.27
C LEU A 948 21.39 8.37 5.37
N ASN A 949 22.43 8.47 6.22
CA ASN A 949 22.49 9.49 7.27
C ASN A 949 23.91 10.09 7.26
N THR A 950 24.10 11.12 6.43
CA THR A 950 25.36 11.84 6.43
C THR A 950 25.39 12.91 7.52
N ALA A 951 24.21 13.39 7.94
CA ALA A 951 24.13 14.46 8.92
C ALA A 951 24.49 14.00 10.33
N ASN A 952 24.69 12.69 10.54
CA ASN A 952 24.87 12.09 11.87
C ASN A 952 23.73 12.46 12.82
N LEU A 953 22.56 12.74 12.26
CA LEU A 953 21.40 13.15 13.04
C LEU A 953 21.00 12.05 14.02
N SER A 954 20.77 12.45 15.27
CA SER A 954 20.55 11.48 16.33
C SER A 954 19.24 10.72 16.10
N PRO A 955 19.13 9.48 16.59
CA PRO A 955 17.88 8.73 16.39
C PRO A 955 16.65 9.45 16.91
N ASP A 956 16.76 10.08 18.08
CA ASP A 956 15.62 10.79 18.64
C ASP A 956 15.25 12.00 17.79
N HIS A 957 16.25 12.67 17.21
CA HIS A 957 15.96 13.76 16.29
C HIS A 957 15.18 13.27 15.08
N MET A 958 15.58 12.12 14.52
CA MET A 958 14.87 11.59 13.36
C MET A 958 13.44 11.25 13.72
N GLN A 959 13.23 10.58 14.86
CA GLN A 959 11.87 10.23 15.25
C GLN A 959 11.03 11.47 15.49
N ARG A 960 11.60 12.49 16.14
CA ARG A 960 10.83 13.69 16.43
C ARG A 960 10.47 14.45 15.16
N LEU A 961 11.41 14.55 14.21
CA LEU A 961 11.10 15.21 12.95
C LEU A 961 10.01 14.45 12.20
N THR A 962 10.11 13.12 12.17
CA THR A 962 9.13 12.33 11.44
C THR A 962 7.75 12.46 12.07
N PHE A 963 7.67 12.48 13.40
CA PHE A 963 6.38 12.70 14.05
C PHE A 963 5.86 14.11 13.78
N LYS A 964 6.74 15.11 13.80
CA LYS A 964 6.32 16.50 13.58
C LYS A 964 5.69 16.66 12.21
N LEU A 965 6.32 16.09 11.18
CA LEU A 965 5.84 16.32 9.82
C LEU A 965 4.45 15.73 9.60
N CYS A 966 4.03 14.78 10.43
CA CYS A 966 2.69 14.22 10.28
C CYS A 966 1.59 15.19 10.70
N HIS A 967 1.94 16.28 11.38
CA HIS A 967 0.96 17.27 11.80
C HIS A 967 0.66 18.33 10.74
N MET A 968 1.40 18.35 9.63
CA MET A 968 1.32 19.43 8.66
C MET A 968 0.30 19.22 7.55
N TYR A 969 -0.33 18.06 7.48
CA TYR A 969 -1.24 17.82 6.38
C TYR A 969 -2.46 18.72 6.51
N TRP A 970 -2.54 19.72 5.64
CA TRP A 970 -3.54 20.78 5.77
C TRP A 970 -4.92 20.38 5.29
N ASN A 971 -5.07 19.24 4.61
CA ASN A 971 -6.40 18.78 4.22
C ASN A 971 -7.15 18.19 5.41
N TRP A 972 -6.43 17.52 6.32
CA TRP A 972 -7.01 16.90 7.50
C TRP A 972 -6.53 17.60 8.75
N PRO A 973 -7.42 18.25 9.55
CA PRO A 973 -6.94 18.81 10.83
C PRO A 973 -6.64 17.73 11.86
N GLY A 974 -5.51 17.06 11.67
CA GLY A 974 -5.11 16.01 12.58
C GLY A 974 -3.84 15.36 12.07
N THR A 975 -3.28 14.50 12.91
CA THR A 975 -2.08 13.76 12.52
C THR A 975 -2.46 12.66 11.54
N ILE A 976 -1.56 12.40 10.59
CA ILE A 976 -1.82 11.48 9.49
C ILE A 976 -0.79 10.35 9.48
N ARG A 977 -1.02 9.39 8.58
CA ARG A 977 -0.25 8.16 8.58
C ARG A 977 1.22 8.41 8.26
N VAL A 978 1.49 9.23 7.25
CA VAL A 978 2.86 9.44 6.74
C VAL A 978 3.18 10.92 6.80
N PRO A 979 4.45 11.29 6.66
CA PRO A 979 4.80 12.72 6.64
C PRO A 979 4.06 13.46 5.54
N ALA A 980 3.71 14.72 5.83
CA ALA A 980 2.94 15.51 4.88
C ALA A 980 3.59 15.61 3.49
N PRO A 981 4.91 15.76 3.35
CA PRO A 981 5.48 15.76 1.99
C PRO A 981 5.12 14.55 1.16
N CYS A 982 5.15 13.35 1.75
CA CYS A 982 4.83 12.14 0.99
C CYS A 982 3.37 12.13 0.56
N LYS A 983 2.47 12.55 1.44
CA LYS A 983 1.05 12.53 1.09
C LYS A 983 0.74 13.60 0.04
N TYR A 984 1.40 14.76 0.12
CA TYR A 984 1.24 15.76 -0.93
C TYR A 984 1.77 15.23 -2.26
N ALA A 985 2.90 14.53 -2.24
CA ALA A 985 3.43 13.94 -3.46
C ALA A 985 2.46 12.92 -4.03
N HIS A 986 1.83 12.12 -3.17
CA HIS A 986 0.86 11.15 -3.65
C HIS A 986 -0.34 11.84 -4.27
N LYS A 987 -0.81 12.93 -3.66
CA LYS A 987 -1.93 13.67 -4.22
C LYS A 987 -1.58 14.20 -5.61
N LEU A 988 -0.39 14.79 -5.74
CA LEU A 988 0.05 15.27 -7.04
C LEU A 988 0.13 14.15 -8.05
N ALA A 989 0.69 13.01 -7.65
CA ALA A 989 0.83 11.88 -8.57
C ALA A 989 -0.53 11.37 -9.02
N PHE A 990 -1.47 11.23 -8.08
CA PHE A 990 -2.81 10.77 -8.43
C PHE A 990 -3.48 11.72 -9.41
N LEU A 991 -3.46 13.02 -9.10
CA LEU A 991 -4.15 13.98 -9.96
C LEU A 991 -3.52 14.02 -11.34
N SER A 992 -2.18 13.97 -11.41
CA SER A 992 -1.51 14.08 -12.70
C SER A 992 -1.68 12.81 -13.53
N GLY A 993 -1.70 11.64 -12.89
CA GLY A 993 -1.69 10.40 -13.64
C GLY A 993 -3.08 9.88 -13.98
N HIS A 994 -4.01 9.94 -13.04
CA HIS A 994 -5.28 9.27 -13.18
C HIS A 994 -6.41 10.18 -13.69
N ILE A 995 -6.33 11.48 -13.46
CA ILE A 995 -7.36 12.43 -13.89
C ILE A 995 -6.90 13.23 -15.09
N LEU A 996 -5.83 14.01 -14.94
CA LEU A 996 -5.37 14.84 -16.05
C LEU A 996 -4.78 13.99 -17.18
N HIS A 997 -4.08 12.91 -16.84
CA HIS A 997 -3.29 12.16 -17.83
C HIS A 997 -2.24 13.05 -18.48
N HIS A 998 -1.85 14.14 -17.80
CA HIS A 998 -0.98 15.13 -18.40
C HIS A 998 -0.27 15.90 -17.29
N GLU A 999 0.91 16.44 -17.63
CA GLU A 999 1.67 17.20 -16.66
C GLU A 999 0.95 18.52 -16.36
N PRO A 1000 0.78 18.90 -15.09
CA PRO A 1000 0.09 20.15 -14.79
C PRO A 1000 0.87 21.36 -15.27
N ALA A 1001 0.18 22.50 -15.33
CA ALA A 1001 0.81 23.74 -15.74
C ALA A 1001 1.91 24.13 -14.77
N ILE A 1002 3.00 24.68 -15.30
CA ILE A 1002 4.14 25.02 -14.46
C ILE A 1002 3.78 26.17 -13.51
N GLN A 1003 2.93 27.07 -13.97
CA GLN A 1003 2.66 28.28 -13.19
C GLN A 1003 1.95 27.95 -11.88
N LEU A 1004 1.03 26.98 -11.90
CA LEU A 1004 0.26 26.66 -10.70
C LEU A 1004 1.06 25.90 -9.65
N CYS A 1005 2.25 25.41 -10.01
CA CYS A 1005 2.95 24.48 -9.13
C CYS A 1005 3.39 25.12 -7.81
N GLU A 1006 3.58 26.43 -7.79
CA GLU A 1006 4.11 27.06 -6.58
C GLU A 1006 3.12 26.97 -5.41
N ASN A 1007 1.82 27.03 -5.70
CA ASN A 1007 0.79 26.92 -4.68
C ASN A 1007 0.48 25.45 -4.43
N LEU A 1008 -0.59 25.16 -3.70
CA LEU A 1008 -1.10 23.80 -3.48
C LEU A 1008 -2.41 23.65 -4.23
N PHE A 1009 -2.32 23.34 -5.52
CA PHE A 1009 -3.50 23.19 -6.35
C PHE A 1009 -4.05 21.76 -6.33
N PHE A 1010 -3.24 20.80 -5.89
CA PHE A 1010 -3.63 19.40 -6.04
C PHE A 1010 -4.60 18.95 -4.96
N LEU A 1011 -4.74 19.73 -3.89
CA LEU A 1011 -5.61 19.35 -2.78
C LEU A 1011 -7.06 19.24 -3.23
#